data_3DOH
#
_entry.id   3DOH
#
_cell.length_a   130.157
_cell.length_b   130.157
_cell.length_c   306.184
_cell.angle_alpha   90.00
_cell.angle_beta   90.00
_cell.angle_gamma   120.00
#
_symmetry.space_group_name_H-M   'H 3 2'
#
loop_
_entity.id
_entity.type
_entity.pdbx_description
1 polymer esterase
2 non-polymer 'SULFATE ION'
3 water water
#
_entity_poly.entity_id   1
_entity_poly.type   'polypeptide(L)'
_entity_poly.pdbx_seq_one_letter_code
;QEDVTVKSVTLITKVFPEGEKVCAVVIEYPVEIDGQKLSPDQFSVKVKTGDTYSSRTITKVYANNSGGLSFSIFNNRGKY
VVLELSTEDLHSNTIVFGPNFLNTRMKLDYIVSQLVPIFDVDGNEVEPFTSKQTDEKHLIIDDFLAFTFKDPETGVEIPY
RLFVPKDVNPDRKYPLVVFLHGAGERGTDNYLQVAGNRGAVVWAQPRYQVVHPCFVLAPQCPPNSSWSTLFTDRENPFNP
EKPLLAVIKIIRKLLDEYNIDENRIYITGLSMGGYGTWTAIMEFPELFAAAIPICGGGDVSKVERIKDIPIWVFHAEDDP
VVPVENSRVLVKKLAEIGGKVRYTEYEKGFMEKHGWDPHGSWIPTYENQEAIEWLFEQSR
;
_entity_poly.pdbx_strand_id   A,B
#
# COMPACT_ATOMS: atom_id res chain seq x y z
N VAL A 6 12.60 -10.15 18.64
CA VAL A 6 11.69 -9.03 18.88
C VAL A 6 10.95 -9.20 20.21
N LYS A 7 11.13 -8.23 21.10
CA LYS A 7 10.70 -8.39 22.49
C LYS A 7 9.19 -8.26 22.68
N SER A 8 8.56 -7.38 21.91
CA SER A 8 7.12 -7.15 21.99
C SER A 8 6.67 -6.26 20.87
N VAL A 9 5.37 -6.35 20.60
CA VAL A 9 4.65 -5.48 19.70
C VAL A 9 3.39 -5.00 20.41
N THR A 10 3.33 -3.70 20.65
CA THR A 10 2.38 -3.14 21.54
C THR A 10 1.50 -2.19 20.74
N LEU A 11 0.21 -2.44 20.82
CA LEU A 11 -0.81 -1.60 20.24
C LEU A 11 -1.02 -0.36 21.08
N ILE A 12 -0.81 0.82 20.52
CA ILE A 12 -1.09 2.04 21.27
C ILE A 12 -2.49 2.55 20.87
N THR A 13 -3.39 2.66 21.86
CA THR A 13 -4.70 3.26 21.68
C THR A 13 -4.75 4.55 22.42
N LYS A 14 -5.62 5.44 21.95
CA LYS A 14 -5.76 6.75 22.52
C LYS A 14 -7.22 7.14 22.32
N VAL A 15 -7.79 7.91 23.25
CA VAL A 15 -9.20 8.26 23.07
C VAL A 15 -9.32 9.55 22.25
N PHE A 16 -9.88 9.42 21.04
CA PHE A 16 -10.08 10.56 20.15
C PHE A 16 -11.53 11.06 20.26
N PRO A 17 -11.81 12.29 19.76
CA PRO A 17 -13.16 12.78 20.00
C PRO A 17 -14.28 11.80 19.66
N GLU A 18 -14.10 10.96 18.63
CA GLU A 18 -15.18 10.01 18.27
C GLU A 18 -14.94 8.61 18.89
N GLY A 19 -14.07 8.56 19.90
CA GLY A 19 -13.78 7.34 20.62
C GLY A 19 -12.37 6.82 20.47
N GLU A 20 -12.12 5.66 21.06
CA GLU A 20 -10.78 5.12 21.20
C GLU A 20 -10.33 4.42 19.93
N LYS A 21 -9.14 4.77 19.46
CA LYS A 21 -8.60 4.26 18.22
C LYS A 21 -7.21 3.77 18.53
N VAL A 22 -6.78 2.77 17.77
CA VAL A 22 -5.38 2.36 17.77
C VAL A 22 -4.63 3.36 16.86
N CYS A 23 -3.72 4.13 17.48
CA CYS A 23 -3.01 5.22 16.81
C CYS A 23 -1.54 4.86 16.57
N ALA A 24 -1.01 3.91 17.32
CA ALA A 24 0.35 3.53 17.02
C ALA A 24 0.63 2.06 17.35
N VAL A 25 1.68 1.54 16.77
CA VAL A 25 2.17 0.24 17.09
C VAL A 25 3.64 0.46 17.45
N VAL A 26 4.01 -0.01 18.63
CA VAL A 26 5.40 0.07 19.11
C VAL A 26 6.06 -1.31 19.20
N ILE A 27 7.20 -1.46 18.52
CA ILE A 27 7.92 -2.73 18.53
C ILE A 27 9.16 -2.58 19.40
N GLU A 28 9.34 -3.47 20.37
CA GLU A 28 10.56 -3.48 21.19
C GLU A 28 11.53 -4.49 20.58
N TYR A 29 12.58 -3.96 19.97
CA TYR A 29 13.63 -4.76 19.38
C TYR A 29 14.68 -5.24 20.40
N PRO A 30 15.36 -6.39 20.12
CA PRO A 30 16.41 -6.87 21.06
C PRO A 30 17.60 -5.90 21.25
N VAL A 31 18.02 -5.18 20.20
CA VAL A 31 18.91 -4.02 20.37
C VAL A 31 18.23 -2.70 20.09
N GLU A 32 19.03 -1.65 20.21
CA GLU A 32 18.59 -0.31 19.86
C GLU A 32 18.55 -0.29 18.34
N ILE A 33 18.03 0.81 17.78
CA ILE A 33 17.88 1.01 16.34
C ILE A 33 17.92 2.50 16.12
N ASP A 34 18.48 2.92 14.97
CA ASP A 34 18.43 4.31 14.50
C ASP A 34 17.22 4.52 13.60
N GLY A 35 16.34 5.40 14.06
CA GLY A 35 15.14 5.77 13.32
C GLY A 35 15.42 6.71 12.16
N GLN A 36 16.54 7.42 12.22
CA GLN A 36 16.95 8.31 11.16
C GLN A 36 16.86 7.52 9.85
N LYS A 37 17.24 6.25 9.90
CA LYS A 37 17.25 5.37 8.70
C LYS A 37 15.95 4.55 8.41
N LEU A 38 14.94 4.66 9.29
CA LEU A 38 13.66 3.96 9.14
C LEU A 38 12.71 4.73 8.22
N SER A 39 11.77 4.03 7.61
CA SER A 39 10.81 4.67 6.73
C SER A 39 9.54 3.81 6.72
N PRO A 40 8.35 4.44 6.61
CA PRO A 40 7.04 3.72 6.65
C PRO A 40 6.92 2.49 5.76
N ASP A 41 7.54 2.53 4.60
CA ASP A 41 7.41 1.40 3.66
C ASP A 41 8.25 0.17 4.02
N GLN A 42 8.83 0.15 5.22
CA GLN A 42 9.62 -1.00 5.66
C GLN A 42 8.76 -1.89 6.58
N PHE A 43 7.53 -1.46 6.83
CA PHE A 43 6.70 -2.15 7.78
C PHE A 43 5.30 -2.31 7.25
N SER A 44 4.51 -3.12 7.90
CA SER A 44 3.13 -3.27 7.53
C SER A 44 2.30 -3.40 8.79
N VAL A 45 1.10 -2.83 8.82
CA VAL A 45 0.25 -3.02 9.98
C VAL A 45 -1.17 -3.39 9.53
N LYS A 46 -1.80 -4.40 10.14
CA LYS A 46 -3.16 -4.82 9.67
C LYS A 46 -4.08 -5.15 10.81
N VAL A 47 -5.36 -4.87 10.66
CA VAL A 47 -6.35 -5.29 11.64
C VAL A 47 -7.10 -6.47 11.06
N LYS A 48 -7.66 -7.31 11.93
CA LYS A 48 -8.71 -8.22 11.51
C LYS A 48 -10.07 -7.54 11.62
N THR A 49 -10.94 -7.80 10.66
CA THR A 49 -12.36 -7.55 10.91
C THR A 49 -13.20 -7.97 9.72
N GLY A 50 -13.86 -9.12 9.85
CA GLY A 50 -13.85 -9.93 11.08
C GLY A 50 -13.15 -11.27 10.79
N ASP A 51 -13.27 -11.77 9.55
CA ASP A 51 -12.39 -12.84 9.01
C ASP A 51 -11.50 -12.40 7.78
N THR A 52 -11.32 -11.09 7.56
CA THR A 52 -10.19 -10.64 6.75
C THR A 52 -9.42 -9.53 7.46
N TYR A 53 -8.31 -9.13 6.85
CA TYR A 53 -7.50 -8.06 7.36
C TYR A 53 -7.59 -6.87 6.45
N SER A 54 -7.55 -5.69 7.03
CA SER A 54 -7.34 -4.55 6.20
C SER A 54 -6.11 -3.77 6.72
N SER A 55 -5.47 -2.97 5.85
CA SER A 55 -4.24 -2.25 6.25
C SER A 55 -4.55 -1.03 7.06
N ARG A 56 -3.67 -0.76 8.00
CA ARG A 56 -3.62 0.53 8.66
C ARG A 56 -2.55 1.27 7.91
N THR A 57 -2.78 2.55 7.66
CA THR A 57 -1.78 3.29 6.96
C THR A 57 -0.78 3.93 7.90
N ILE A 58 0.49 3.49 7.80
CA ILE A 58 1.62 3.99 8.63
C ILE A 58 2.07 5.38 8.15
N THR A 59 1.86 6.42 8.96
CA THR A 59 2.15 7.77 8.47
C THR A 59 3.58 8.31 8.77
N LYS A 60 4.17 7.90 9.89
CA LYS A 60 5.60 8.19 10.18
C LYS A 60 6.20 7.00 10.94
N VAL A 61 7.49 6.70 10.74
CA VAL A 61 8.26 5.80 11.64
C VAL A 61 9.35 6.55 12.41
N TYR A 62 9.56 6.19 13.68
CA TYR A 62 10.67 6.74 14.49
C TYR A 62 11.10 5.84 15.68
N ALA A 63 12.20 6.20 16.34
CA ALA A 63 12.63 5.41 17.48
C ALA A 63 12.80 6.24 18.72
N ASN A 64 12.53 5.65 19.88
CA ASN A 64 12.86 6.24 21.19
C ASN A 64 13.30 5.12 22.15
N ASN A 65 13.57 5.50 23.40
CA ASN A 65 13.87 4.52 24.45
C ASN A 65 12.82 4.53 25.54
N SER A 66 11.80 5.33 25.35
CA SER A 66 10.69 5.43 26.28
C SER A 66 9.69 4.28 26.09
N GLY A 67 9.19 4.07 24.87
CA GLY A 67 8.18 3.03 24.61
C GLY A 67 6.80 3.60 24.31
N GLY A 68 6.70 4.93 24.39
CA GLY A 68 5.47 5.61 24.06
C GLY A 68 5.63 6.40 22.79
N LEU A 69 4.89 7.48 22.68
CA LEU A 69 4.87 8.18 21.42
C LEU A 69 5.97 9.22 21.26
N SER A 70 6.90 9.33 22.21
CA SER A 70 7.79 10.51 22.22
C SER A 70 8.87 10.45 21.14
N PHE A 71 9.10 11.61 20.50
CA PHE A 71 10.06 11.72 19.41
C PHE A 71 10.85 13.01 19.52
N SER A 72 12.18 12.92 19.65
CA SER A 72 13.03 14.10 19.46
C SER A 72 13.87 13.98 18.21
N ILE A 73 13.89 15.03 17.39
CA ILE A 73 14.80 15.09 16.25
C ILE A 73 16.23 14.70 16.62
N PHE A 74 16.56 14.80 17.90
CA PHE A 74 17.94 14.86 18.34
C PHE A 74 18.49 13.51 18.50
N ASN A 75 17.67 12.65 19.09
CA ASN A 75 18.06 11.26 19.30
C ASN A 75 16.91 10.37 18.86
N ASN A 76 16.83 10.17 17.55
CA ASN A 76 15.81 9.33 16.93
C ASN A 76 16.30 7.88 16.96
N ARG A 77 16.32 7.28 18.16
CA ARG A 77 16.97 5.99 18.31
C ARG A 77 16.54 5.23 19.57
N GLY A 78 16.66 3.90 19.53
CA GLY A 78 16.50 3.07 20.74
C GLY A 78 15.94 1.71 20.44
N LYS A 79 15.60 0.96 21.49
CA LYS A 79 15.01 -0.35 21.29
C LYS A 79 13.54 -0.26 20.87
N TYR A 80 12.92 0.89 21.02
CA TYR A 80 11.53 0.98 20.62
C TYR A 80 11.37 1.61 19.25
N VAL A 81 10.62 0.94 18.39
CA VAL A 81 10.26 1.52 17.11
C VAL A 81 8.75 1.78 17.10
N VAL A 82 8.44 3.05 16.84
CA VAL A 82 7.11 3.54 16.76
C VAL A 82 6.66 3.65 15.32
N LEU A 83 5.51 3.06 15.06
CA LEU A 83 4.86 3.17 13.78
C LEU A 83 3.57 3.91 14.05
N GLU A 84 3.47 5.15 13.58
CA GLU A 84 2.26 5.90 13.81
C GLU A 84 1.23 5.57 12.71
N LEU A 85 -0.04 5.54 13.06
CA LEU A 85 -1.09 5.13 12.11
C LEU A 85 -2.14 6.22 11.83
N SER A 86 -2.61 6.30 10.59
CA SER A 86 -3.60 7.31 10.26
C SER A 86 -4.80 7.12 11.11
N THR A 87 -5.18 8.17 11.81
CA THR A 87 -6.41 8.12 12.58
C THR A 87 -7.65 8.21 11.69
N GLU A 88 -7.48 8.33 10.38
CA GLU A 88 -8.60 8.48 9.46
C GLU A 88 -8.88 7.17 8.76
N ASP A 89 -8.07 6.15 9.07
CA ASP A 89 -8.33 4.82 8.54
C ASP A 89 -9.70 4.34 8.93
N LEU A 90 -10.34 3.63 8.02
CA LEU A 90 -11.64 3.05 8.33
C LEU A 90 -11.61 2.18 9.60
N HIS A 91 -10.71 1.19 9.63
CA HIS A 91 -10.65 0.29 10.75
C HIS A 91 -9.67 0.80 11.79
N SER A 92 -9.92 2.00 12.32
CA SER A 92 -9.15 2.45 13.44
C SER A 92 -9.86 2.35 14.81
N ASN A 93 -11.16 2.66 14.85
CA ASN A 93 -11.99 2.58 16.06
C ASN A 93 -11.94 1.25 16.74
N THR A 94 -11.95 1.23 18.06
CA THR A 94 -11.98 -0.05 18.78
C THR A 94 -13.43 -0.50 19.07
N ILE A 95 -14.36 0.42 18.91
CA ILE A 95 -15.70 0.18 19.36
C ILE A 95 -16.64 0.09 18.19
N VAL A 96 -17.24 -1.07 17.98
CA VAL A 96 -18.28 -1.17 16.97
C VAL A 96 -19.64 -0.84 17.61
N PHE A 97 -20.33 0.13 17.00
CA PHE A 97 -21.68 0.53 17.36
C PHE A 97 -22.64 -0.55 16.93
N GLY A 98 -22.96 -1.48 17.82
CA GLY A 98 -24.03 -2.45 17.57
C GLY A 98 -25.41 -1.81 17.79
N PRO A 99 -26.50 -2.61 17.67
CA PRO A 99 -27.86 -2.10 17.98
C PRO A 99 -28.31 -2.37 19.46
N ASN A 100 -29.48 -1.87 19.89
CA ASN A 100 -30.16 -0.73 19.28
C ASN A 100 -29.37 0.48 19.79
N PHE A 101 -29.11 0.43 21.12
CA PHE A 101 -28.43 1.51 21.84
C PHE A 101 -27.29 0.97 22.74
N LEU A 102 -26.54 0.00 22.23
CA LEU A 102 -25.52 -0.72 23.01
C LEU A 102 -24.28 -1.04 22.18
N ASN A 103 -23.17 -0.38 22.51
CA ASN A 103 -21.92 -0.56 21.77
C ASN A 103 -21.01 -1.60 22.43
N THR A 104 -20.15 -2.22 21.63
CA THR A 104 -19.22 -3.23 22.13
C THR A 104 -17.81 -3.00 21.59
N ARG A 105 -16.82 -3.22 22.44
CA ARG A 105 -15.42 -3.14 22.02
C ARG A 105 -14.88 -4.51 21.64
N MET A 106 -14.99 -4.86 20.37
CA MET A 106 -13.90 -5.54 19.66
C MET A 106 -12.72 -5.80 20.59
N LYS A 107 -12.54 -7.06 20.98
CA LYS A 107 -11.21 -7.63 21.13
C LYS A 107 -10.31 -7.27 19.96
N LEU A 108 -9.13 -6.75 20.27
CA LEU A 108 -8.22 -6.21 19.23
C LEU A 108 -7.32 -7.25 18.63
N ASP A 109 -7.17 -7.18 17.31
CA ASP A 109 -6.57 -8.22 16.56
C ASP A 109 -5.69 -7.77 15.36
N TYR A 110 -4.39 -7.78 15.56
CA TYR A 110 -3.47 -7.14 14.67
C TYR A 110 -2.34 -8.04 14.30
N ILE A 111 -1.86 -7.85 13.08
CA ILE A 111 -0.61 -8.44 12.71
C ILE A 111 0.25 -7.35 12.10
N VAL A 112 1.53 -7.42 12.43
CA VAL A 112 2.48 -6.41 12.13
C VAL A 112 3.65 -7.05 11.46
N SER A 113 4.26 -6.34 10.50
CA SER A 113 5.48 -6.81 9.89
C SER A 113 6.57 -5.78 9.67
N GLN A 114 7.78 -6.22 9.94
CA GLN A 114 8.94 -5.60 9.37
C GLN A 114 9.27 -6.35 8.12
N LEU A 115 9.25 -5.67 6.99
CA LEU A 115 9.24 -6.35 5.70
C LEU A 115 10.61 -6.57 5.08
N VAL A 116 11.53 -5.67 5.41
CA VAL A 116 12.84 -5.65 4.84
C VAL A 116 13.78 -5.62 6.01
N PRO A 117 15.05 -5.98 5.78
CA PRO A 117 15.97 -5.93 6.90
C PRO A 117 16.08 -4.48 7.35
N ILE A 118 16.57 -4.22 8.56
CA ILE A 118 16.79 -2.85 9.01
C ILE A 118 18.12 -2.69 9.75
N PHE A 119 18.64 -1.47 9.72
CA PHE A 119 19.94 -1.20 10.29
C PHE A 119 19.80 -1.05 11.81
N ASP A 120 20.69 -1.68 12.57
CA ASP A 120 20.76 -1.38 14.02
C ASP A 120 22.07 -0.63 14.44
N VAL A 121 22.12 -0.22 15.70
CA VAL A 121 23.20 0.63 16.21
C VAL A 121 24.55 -0.10 16.32
N ASP A 122 24.52 -1.42 16.17
CA ASP A 122 25.57 -2.32 16.66
C ASP A 122 26.61 -2.88 15.66
N GLY A 123 26.29 -2.95 14.36
CA GLY A 123 24.99 -3.42 13.88
C GLY A 123 25.10 -4.80 13.20
N ASN A 124 24.91 -4.89 11.88
CA ASN A 124 24.16 -3.89 11.13
C ASN A 124 22.80 -4.35 10.52
N GLU A 125 22.23 -5.48 10.99
CA GLU A 125 20.96 -6.02 10.38
C GLU A 125 20.00 -6.88 11.21
N VAL A 126 18.79 -6.33 11.45
CA VAL A 126 17.68 -7.11 12.03
C VAL A 126 16.84 -7.65 10.87
N GLU A 127 16.58 -8.94 10.87
CA GLU A 127 15.87 -9.56 9.75
C GLU A 127 14.35 -9.36 9.87
N PRO A 128 13.65 -9.34 8.72
CA PRO A 128 12.18 -9.34 8.68
C PRO A 128 11.49 -10.30 9.69
N PHE A 129 10.37 -9.86 10.27
CA PHE A 129 9.56 -10.70 11.14
C PHE A 129 8.09 -10.36 10.94
N THR A 130 7.21 -11.25 11.39
CA THR A 130 5.78 -11.01 11.32
C THR A 130 5.21 -11.55 12.60
N SER A 131 4.14 -10.92 13.09
CA SER A 131 3.67 -11.16 14.45
C SER A 131 2.27 -10.58 14.66
N LYS A 132 1.44 -11.33 15.37
CA LYS A 132 0.28 -10.74 16.10
C LYS A 132 0.85 -9.75 17.15
N GLN A 133 -0.01 -8.94 17.76
CA GLN A 133 0.43 -8.07 18.86
C GLN A 133 0.59 -8.88 20.15
N THR A 134 1.27 -8.30 21.13
CA THR A 134 1.50 -8.96 22.40
C THR A 134 1.10 -8.10 23.60
N ASP A 135 0.40 -7.01 23.34
CA ASP A 135 0.23 -5.97 24.35
C ASP A 135 -0.61 -4.86 23.78
N GLU A 136 -1.54 -4.36 24.58
CA GLU A 136 -2.13 -3.08 24.28
C GLU A 136 -1.48 -2.12 25.28
N LYS A 137 -1.54 -0.82 25.04
CA LYS A 137 -1.16 0.23 26.02
C LYS A 137 -2.23 1.27 25.79
N HIS A 138 -3.01 1.59 26.82
CA HIS A 138 -4.17 2.47 26.67
C HIS A 138 -3.88 3.86 27.21
N LEU A 139 -3.50 4.78 26.33
CA LEU A 139 -2.83 6.01 26.74
C LEU A 139 -3.80 6.97 27.41
N ILE A 140 -3.81 6.96 28.74
CA ILE A 140 -4.66 7.86 29.52
C ILE A 140 -5.80 7.10 30.17
N ILE A 141 -6.30 6.07 29.48
CA ILE A 141 -7.27 5.15 30.08
C ILE A 141 -6.60 4.26 31.13
N ASP A 142 -5.29 4.09 31.00
CA ASP A 142 -4.54 3.32 31.97
C ASP A 142 -4.12 4.10 33.22
N ASP A 143 -4.40 5.40 33.30
CA ASP A 143 -4.23 6.13 34.57
C ASP A 143 -5.44 6.13 35.49
N PHE A 144 -6.57 5.65 34.99
CA PHE A 144 -7.82 5.55 35.76
C PHE A 144 -7.81 4.17 36.34
N LEU A 145 -7.66 4.11 37.65
CA LEU A 145 -7.88 2.88 38.41
C LEU A 145 -9.28 2.34 38.21
N ALA A 146 -9.40 1.02 38.21
CA ALA A 146 -10.70 0.34 38.12
C ALA A 146 -11.17 -0.07 39.50
N PHE A 147 -12.44 0.15 39.79
CA PHE A 147 -13.04 -0.24 41.04
C PHE A 147 -14.45 -0.70 40.71
N THR A 148 -15.07 -1.46 41.63
CA THR A 148 -16.51 -1.75 41.61
C THR A 148 -17.07 -1.37 42.95
N PHE A 149 -18.29 -0.85 42.99
CA PHE A 149 -18.89 -0.50 44.23
C PHE A 149 -20.13 -1.33 44.32
N LYS A 150 -20.40 -1.86 45.52
CA LYS A 150 -21.67 -2.58 45.77
C LYS A 150 -22.58 -1.73 46.66
N ASP A 151 -23.67 -1.24 46.07
CA ASP A 151 -24.62 -0.37 46.75
C ASP A 151 -25.35 -1.20 47.81
N PRO A 152 -25.10 -0.91 49.12
CA PRO A 152 -25.55 -1.83 50.19
C PRO A 152 -27.07 -1.75 50.49
N GLU A 153 -27.66 -0.63 50.07
CA GLU A 153 -29.12 -0.38 50.10
C GLU A 153 -29.90 -1.13 48.98
N THR A 154 -29.30 -1.28 47.78
CA THR A 154 -30.00 -1.87 46.61
C THR A 154 -29.37 -3.04 45.82
N GLY A 155 -28.25 -3.61 46.25
CA GLY A 155 -27.61 -4.74 45.53
C GLY A 155 -26.85 -4.41 44.24
N VAL A 156 -27.47 -3.58 43.40
CA VAL A 156 -26.83 -3.05 42.20
C VAL A 156 -25.32 -2.97 42.37
N GLU A 157 -24.61 -3.55 41.43
CA GLU A 157 -23.15 -3.37 41.33
C GLU A 157 -22.71 -2.39 40.21
N ILE A 158 -21.88 -1.42 40.57
CA ILE A 158 -21.51 -0.39 39.63
C ILE A 158 -20.01 -0.34 39.46
N PRO A 159 -19.53 -0.74 38.28
CA PRO A 159 -18.10 -0.58 38.02
C PRO A 159 -17.78 0.92 37.75
N TYR A 160 -16.62 1.37 38.22
CA TYR A 160 -16.18 2.73 37.92
C TYR A 160 -14.68 2.89 37.75
N ARG A 161 -14.32 3.96 37.05
CA ARG A 161 -12.94 4.28 36.78
C ARG A 161 -12.72 5.62 37.42
N LEU A 162 -11.61 5.76 38.12
CA LEU A 162 -11.30 6.98 38.85
C LEU A 162 -9.89 7.44 38.56
N PHE A 163 -9.70 8.69 38.20
CA PHE A 163 -8.35 9.29 37.99
C PHE A 163 -7.95 10.02 39.26
N VAL A 164 -6.78 9.70 39.77
CA VAL A 164 -6.26 10.40 40.93
C VAL A 164 -5.08 11.27 40.48
N PRO A 165 -5.05 12.58 40.82
CA PRO A 165 -3.94 13.43 40.34
C PRO A 165 -2.56 12.94 40.85
N LYS A 166 -1.49 13.29 40.15
CA LYS A 166 -0.16 12.90 40.55
C LYS A 166 0.74 14.08 40.85
N ASP A 167 1.66 13.86 41.80
CA ASP A 167 2.67 14.81 42.28
C ASP A 167 1.98 16.03 42.77
N VAL A 168 0.97 15.82 43.56
CA VAL A 168 0.16 16.90 44.01
C VAL A 168 0.33 16.96 45.55
N ASN A 169 0.26 18.15 46.16
CA ASN A 169 0.34 18.25 47.62
C ASN A 169 -0.86 17.58 48.32
N PRO A 170 -0.59 16.56 49.19
CA PRO A 170 -1.62 15.84 49.97
C PRO A 170 -2.36 16.75 50.94
N ASP A 171 -1.73 17.87 51.28
CA ASP A 171 -2.28 18.83 52.23
C ASP A 171 -3.32 19.83 51.65
N ARG A 172 -3.34 20.03 50.33
CA ARG A 172 -4.42 20.78 49.67
C ARG A 172 -5.55 19.85 49.19
N LYS A 173 -6.70 20.41 48.85
CA LYS A 173 -7.84 19.65 48.32
C LYS A 173 -8.11 20.01 46.85
N TYR A 174 -8.63 19.06 46.07
CA TYR A 174 -8.80 19.22 44.62
C TYR A 174 -10.21 18.85 44.12
N PRO A 175 -10.63 19.42 42.98
CA PRO A 175 -11.92 19.22 42.34
C PRO A 175 -12.17 17.77 41.94
N LEU A 176 -13.43 17.41 41.79
CA LEU A 176 -13.76 16.12 41.25
C LEU A 176 -14.64 16.36 40.05
N VAL A 177 -14.24 15.81 38.91
CA VAL A 177 -15.17 15.80 37.78
C VAL A 177 -15.81 14.43 37.68
N VAL A 178 -17.14 14.39 37.70
CA VAL A 178 -17.87 13.13 37.53
C VAL A 178 -18.53 13.07 36.16
N PHE A 179 -18.21 12.04 35.39
CA PHE A 179 -18.74 11.89 34.04
C PHE A 179 -19.79 10.77 33.92
N LEU A 180 -20.96 11.11 33.40
CA LEU A 180 -21.97 10.08 33.11
C LEU A 180 -22.06 9.80 31.62
N HIS A 181 -21.73 8.57 31.22
CA HIS A 181 -21.71 8.20 29.80
C HIS A 181 -23.10 8.01 29.21
N GLY A 182 -23.15 7.85 27.89
CA GLY A 182 -24.40 7.73 27.16
C GLY A 182 -24.84 6.28 27.05
N ALA A 183 -26.03 6.04 26.47
CA ALA A 183 -26.61 4.71 26.39
C ALA A 183 -25.63 3.71 25.84
N GLY A 184 -24.94 4.07 24.77
CA GLY A 184 -24.13 3.11 24.04
C GLY A 184 -22.97 2.56 24.83
N GLU A 185 -22.51 3.32 25.81
CA GLU A 185 -21.41 2.93 26.65
C GLU A 185 -21.85 2.06 27.84
N ARG A 186 -23.15 1.87 28.02
CA ARG A 186 -23.63 0.94 29.06
C ARG A 186 -22.99 -0.43 28.90
N GLY A 187 -22.87 -1.15 30.02
CA GLY A 187 -22.15 -2.39 30.02
C GLY A 187 -21.66 -2.73 31.39
N THR A 188 -20.67 -3.61 31.46
CA THR A 188 -20.28 -4.24 32.71
C THR A 188 -18.77 -4.45 32.70
N ASP A 189 -18.14 -3.92 31.66
CA ASP A 189 -16.73 -4.12 31.42
C ASP A 189 -15.86 -3.06 32.08
N ASN A 190 -16.47 -1.96 32.52
CA ASN A 190 -15.70 -0.87 33.09
C ASN A 190 -14.69 -0.21 32.12
N TYR A 191 -14.94 -0.28 30.82
CA TYR A 191 -14.00 0.28 29.86
C TYR A 191 -14.70 1.26 28.93
N LEU A 192 -15.77 0.79 28.32
CA LEU A 192 -16.62 1.58 27.43
C LEU A 192 -16.79 3.04 27.77
N GLN A 193 -17.06 3.32 29.05
CA GLN A 193 -17.55 4.65 29.46
C GLN A 193 -16.42 5.67 29.50
N VAL A 194 -15.23 5.14 29.31
CA VAL A 194 -14.04 5.91 29.39
C VAL A 194 -13.39 5.91 27.98
N ALA A 195 -13.91 5.13 27.06
CA ALA A 195 -13.27 5.00 25.78
C ALA A 195 -14.16 5.47 24.62
N GLY A 196 -15.46 5.54 24.87
CA GLY A 196 -16.40 5.87 23.79
C GLY A 196 -16.29 7.28 23.28
N ASN A 197 -15.81 8.21 24.12
CA ASN A 197 -15.58 9.63 23.75
C ASN A 197 -14.61 10.30 24.76
N ARG A 198 -14.35 11.60 24.65
CA ARG A 198 -13.31 12.23 25.44
C ARG A 198 -13.90 12.72 26.77
N GLY A 199 -15.10 12.23 27.09
CA GLY A 199 -15.87 12.72 28.26
C GLY A 199 -15.19 12.60 29.61
N ALA A 200 -14.43 11.53 29.80
CA ALA A 200 -13.78 11.29 31.10
C ALA A 200 -12.35 11.80 31.03
N VAL A 201 -11.74 11.54 29.90
CA VAL A 201 -10.33 11.56 29.72
C VAL A 201 -9.77 12.96 29.49
N VAL A 202 -10.56 13.84 28.90
CA VAL A 202 -10.08 15.22 28.63
C VAL A 202 -9.60 15.85 29.94
N TRP A 203 -10.37 15.67 31.02
CA TRP A 203 -10.03 16.26 32.27
C TRP A 203 -8.73 15.67 32.77
N ALA A 204 -8.32 14.57 32.16
CA ALA A 204 -7.17 13.86 32.69
C ALA A 204 -5.94 14.09 31.85
N GLN A 205 -6.10 14.79 30.74
CA GLN A 205 -4.95 15.18 29.90
C GLN A 205 -3.94 16.06 30.65
N PRO A 206 -2.62 15.75 30.58
CA PRO A 206 -1.60 16.71 31.09
C PRO A 206 -1.84 18.19 30.83
N ARG A 207 -2.24 18.60 29.63
CA ARG A 207 -2.48 20.06 29.38
C ARG A 207 -3.40 20.72 30.41
N TYR A 208 -4.39 19.96 30.90
CA TYR A 208 -5.32 20.51 31.87
C TYR A 208 -4.89 20.21 33.28
N GLN A 209 -4.44 18.98 33.52
CA GLN A 209 -4.05 18.56 34.87
C GLN A 209 -3.05 19.48 35.53
N VAL A 210 -2.10 19.95 34.74
CA VAL A 210 -1.00 20.77 35.18
C VAL A 210 -1.45 22.18 35.56
N VAL A 211 -2.62 22.60 35.07
CA VAL A 211 -3.22 23.86 35.57
C VAL A 211 -4.40 23.69 36.53
N HIS A 212 -5.08 22.55 36.43
CA HIS A 212 -6.20 22.24 37.31
C HIS A 212 -6.23 20.76 37.66
N PRO A 213 -5.30 20.33 38.49
CA PRO A 213 -5.36 19.00 39.12
C PRO A 213 -6.68 18.79 39.85
N CYS A 214 -7.10 17.53 39.98
CA CYS A 214 -8.30 17.05 39.33
C CYS A 214 -8.45 15.53 39.50
N PHE A 215 -9.53 15.13 40.16
CA PHE A 215 -10.00 13.76 40.10
C PHE A 215 -11.10 13.65 39.05
N VAL A 216 -11.20 12.46 38.44
CA VAL A 216 -12.27 12.15 37.51
C VAL A 216 -12.88 10.82 37.87
N LEU A 217 -14.18 10.83 38.11
CA LEU A 217 -14.92 9.64 38.36
C LEU A 217 -15.79 9.38 37.15
N ALA A 218 -15.68 8.16 36.64
CA ALA A 218 -16.42 7.76 35.45
C ALA A 218 -17.08 6.44 35.78
N PRO A 219 -18.32 6.50 36.26
CA PRO A 219 -19.13 5.31 36.47
C PRO A 219 -19.76 4.66 35.24
N GLN A 220 -19.92 3.34 35.27
CA GLN A 220 -20.62 2.61 34.19
C GLN A 220 -21.98 2.06 34.58
N CYS A 221 -22.97 2.33 33.75
CA CYS A 221 -24.34 1.92 34.04
C CYS A 221 -24.75 0.74 33.17
N PRO A 222 -25.64 -0.10 33.71
CA PRO A 222 -25.63 -1.53 33.38
C PRO A 222 -26.78 -1.90 32.45
N PRO A 223 -26.53 -2.82 31.53
CA PRO A 223 -26.92 -2.63 30.13
C PRO A 223 -28.42 -2.40 29.98
N ASN A 224 -29.19 -2.81 30.99
CA ASN A 224 -30.64 -2.75 30.90
C ASN A 224 -31.24 -1.77 31.91
N SER A 225 -30.45 -0.77 32.28
CA SER A 225 -31.00 0.44 32.91
C SER A 225 -30.34 1.70 32.35
N SER A 226 -30.18 2.70 33.21
CA SER A 226 -29.81 4.04 32.76
C SER A 226 -30.03 5.07 33.86
N TRP A 227 -29.30 6.18 33.78
CA TRP A 227 -28.99 6.99 34.96
C TRP A 227 -30.27 7.55 35.60
N SER A 228 -31.15 8.04 34.74
CA SER A 228 -32.46 8.55 35.11
C SER A 228 -33.48 7.56 34.58
N THR A 229 -34.72 7.65 35.07
CA THR A 229 -35.82 6.89 34.51
C THR A 229 -36.10 7.27 33.06
N LEU A 230 -35.08 7.14 32.22
CA LEU A 230 -35.22 7.37 30.78
C LEU A 230 -35.68 6.07 30.12
N PHE A 231 -34.78 5.08 30.15
CA PHE A 231 -35.00 3.74 29.59
C PHE A 231 -35.78 2.77 30.54
N THR A 232 -36.20 3.26 31.70
CA THR A 232 -36.93 2.42 32.65
C THR A 232 -38.28 3.03 33.04
N ASP A 233 -38.95 3.64 32.04
CA ASP A 233 -40.27 4.27 32.20
C ASP A 233 -40.65 5.17 31.02
N ARG A 234 -41.84 4.95 30.45
CA ARG A 234 -42.50 5.92 29.52
C ARG A 234 -43.61 6.69 30.26
N GLU A 235 -43.18 7.57 31.15
CA GLU A 235 -44.06 8.54 31.81
C GLU A 235 -43.33 9.87 32.08
N ASN A 236 -42.28 9.81 32.89
CA ASN A 236 -41.32 10.91 32.97
C ASN A 236 -39.90 10.42 33.25
N PRO A 237 -39.07 10.39 32.20
CA PRO A 237 -37.68 9.97 32.33
C PRO A 237 -36.82 11.05 32.98
N PHE A 238 -37.28 11.61 34.10
CA PHE A 238 -36.48 12.59 34.86
C PHE A 238 -36.06 12.16 36.29
N ASN A 239 -36.60 11.06 36.76
CA ASN A 239 -36.32 10.59 38.10
C ASN A 239 -35.01 9.80 38.20
N PRO A 240 -34.39 9.79 39.39
CA PRO A 240 -33.12 9.08 39.58
C PRO A 240 -33.35 7.60 39.58
N GLU A 241 -32.58 6.87 38.79
CA GLU A 241 -32.63 5.43 38.82
C GLU A 241 -31.50 4.90 39.70
N LYS A 242 -31.55 3.62 40.02
CA LYS A 242 -30.57 2.99 40.92
C LYS A 242 -29.15 3.33 40.53
N PRO A 243 -28.79 3.18 39.24
CA PRO A 243 -27.44 3.51 38.89
C PRO A 243 -27.02 4.93 39.26
N LEU A 244 -27.83 5.94 39.02
CA LEU A 244 -27.49 7.29 39.44
C LEU A 244 -27.36 7.32 40.93
N LEU A 245 -28.34 6.76 41.65
CA LEU A 245 -28.30 6.79 43.10
C LEU A 245 -27.05 6.15 43.62
N ALA A 246 -26.68 5.04 43.03
CA ALA A 246 -25.46 4.43 43.41
C ALA A 246 -24.32 5.48 43.22
N VAL A 247 -24.14 6.05 42.01
CA VAL A 247 -23.10 7.09 41.75
C VAL A 247 -22.96 8.12 42.88
N ILE A 248 -24.08 8.60 43.40
CA ILE A 248 -23.99 9.52 44.52
C ILE A 248 -23.23 8.94 45.72
N LYS A 249 -23.62 7.74 46.13
CA LYS A 249 -23.00 7.06 47.26
C LYS A 249 -21.53 6.93 47.01
N ILE A 250 -21.16 6.74 45.75
CA ILE A 250 -19.75 6.61 45.44
C ILE A 250 -18.97 7.94 45.45
N ILE A 251 -19.65 9.05 45.08
CA ILE A 251 -19.06 10.39 45.30
C ILE A 251 -18.70 10.54 46.78
N ARG A 252 -19.60 10.07 47.65
CA ARG A 252 -19.39 10.17 49.11
C ARG A 252 -18.29 9.28 49.60
N LYS A 253 -18.14 8.10 49.01
CA LYS A 253 -17.03 7.23 49.39
C LYS A 253 -15.74 8.01 49.10
N LEU A 254 -15.70 8.60 47.90
CA LEU A 254 -14.54 9.30 47.40
C LEU A 254 -14.12 10.46 48.31
N LEU A 255 -15.12 11.23 48.74
CA LEU A 255 -14.93 12.34 49.65
C LEU A 255 -14.31 11.83 50.91
N ASP A 256 -14.83 10.72 51.43
CA ASP A 256 -14.25 10.09 52.59
C ASP A 256 -12.84 9.65 52.29
N GLU A 257 -12.62 8.92 51.21
CA GLU A 257 -11.29 8.35 50.97
C GLU A 257 -10.21 9.31 50.51
N TYR A 258 -10.58 10.50 50.02
CA TYR A 258 -9.65 11.34 49.24
C TYR A 258 -9.70 12.82 49.56
N ASN A 259 -8.61 13.51 49.21
CA ASN A 259 -8.52 14.97 49.43
C ASN A 259 -9.21 15.73 48.28
N ILE A 260 -10.53 15.56 48.23
CA ILE A 260 -11.36 16.12 47.19
C ILE A 260 -12.04 17.30 47.86
N ASP A 261 -12.31 18.34 47.06
CA ASP A 261 -12.88 19.59 47.56
C ASP A 261 -14.39 19.55 47.45
N GLU A 262 -15.08 19.40 48.59
CA GLU A 262 -16.57 19.37 48.60
C GLU A 262 -17.16 20.53 47.79
N ASN A 263 -16.41 21.62 47.65
CA ASN A 263 -16.90 22.81 46.94
C ASN A 263 -16.75 22.84 45.42
N ARG A 264 -16.12 21.82 44.86
CA ARG A 264 -15.86 21.77 43.42
C ARG A 264 -16.05 20.36 42.88
N ILE A 265 -17.21 19.78 43.13
CA ILE A 265 -17.59 18.54 42.47
C ILE A 265 -18.45 18.94 41.27
N TYR A 266 -17.85 18.83 40.09
CA TYR A 266 -18.48 19.23 38.85
C TYR A 266 -19.08 17.99 38.25
N ILE A 267 -20.00 18.15 37.32
CA ILE A 267 -20.62 16.99 36.71
C ILE A 267 -21.06 17.25 35.26
N THR A 268 -20.76 16.31 34.38
CA THR A 268 -21.10 16.38 32.99
C THR A 268 -21.38 14.97 32.47
N GLY A 269 -22.19 14.90 31.42
CA GLY A 269 -22.48 13.67 30.73
C GLY A 269 -23.24 14.02 29.46
N LEU A 270 -23.36 13.05 28.57
CA LEU A 270 -23.98 13.28 27.27
C LEU A 270 -25.15 12.34 27.03
N SER A 271 -26.23 12.86 26.46
CA SER A 271 -27.31 12.01 25.96
C SER A 271 -28.01 11.36 27.17
N MET A 272 -27.91 10.04 27.35
CA MET A 272 -28.45 9.40 28.58
C MET A 272 -27.72 9.97 29.80
N GLY A 273 -26.45 10.29 29.62
CA GLY A 273 -25.66 10.96 30.67
C GLY A 273 -25.99 12.44 30.84
N GLY A 274 -26.62 13.02 29.81
CA GLY A 274 -27.09 14.40 29.84
C GLY A 274 -28.34 14.52 30.68
N TYR A 275 -29.33 13.67 30.41
CA TYR A 275 -30.47 13.46 31.32
C TYR A 275 -30.00 13.16 32.74
N GLY A 276 -29.00 12.27 32.82
CA GLY A 276 -28.37 11.92 34.09
C GLY A 276 -27.87 13.13 34.86
N THR A 277 -27.18 14.02 34.14
CA THR A 277 -26.62 15.24 34.71
C THR A 277 -27.75 16.13 35.18
N TRP A 278 -28.75 16.36 34.34
CA TRP A 278 -29.86 17.26 34.74
C TRP A 278 -30.52 16.72 35.99
N THR A 279 -30.72 15.39 36.05
CA THR A 279 -31.43 14.73 37.13
C THR A 279 -30.62 14.84 38.42
N ALA A 280 -29.34 14.48 38.33
CA ALA A 280 -28.39 14.61 39.44
C ALA A 280 -28.38 15.96 40.14
N ILE A 281 -28.26 17.04 39.38
CA ILE A 281 -28.14 18.34 40.01
C ILE A 281 -29.47 18.80 40.57
N MET A 282 -30.56 18.41 39.94
CA MET A 282 -31.88 18.81 40.38
C MET A 282 -32.28 18.04 41.65
N GLU A 283 -31.87 16.77 41.72
CA GLU A 283 -32.20 15.93 42.89
C GLU A 283 -31.19 16.05 44.03
N PHE A 284 -30.04 16.65 43.76
CA PHE A 284 -29.00 16.82 44.77
C PHE A 284 -28.31 18.18 44.62
N PRO A 285 -29.09 19.25 44.67
CA PRO A 285 -28.61 20.58 44.34
C PRO A 285 -27.48 21.00 45.23
N GLU A 286 -27.36 20.32 46.36
CA GLU A 286 -26.42 20.73 47.34
C GLU A 286 -25.05 20.20 47.00
N LEU A 287 -25.00 19.20 46.13
CA LEU A 287 -23.76 18.48 45.93
C LEU A 287 -22.78 19.12 44.91
N PHE A 288 -23.31 19.64 43.80
CA PHE A 288 -22.44 19.99 42.66
C PHE A 288 -22.19 21.50 42.52
N ALA A 289 -20.95 21.83 42.16
CA ALA A 289 -20.53 23.22 41.94
C ALA A 289 -20.95 23.79 40.55
N ALA A 290 -20.97 22.92 39.54
CA ALA A 290 -21.32 23.30 38.18
C ALA A 290 -21.50 22.07 37.31
N ALA A 291 -22.34 22.20 36.28
CA ALA A 291 -22.74 21.07 35.46
C ALA A 291 -22.58 21.43 33.99
N ILE A 292 -22.19 20.46 33.17
CA ILE A 292 -22.27 20.58 31.70
C ILE A 292 -23.09 19.39 31.17
N PRO A 293 -24.41 19.55 31.05
CA PRO A 293 -25.30 18.59 30.40
C PRO A 293 -25.41 18.71 28.88
N ILE A 294 -24.93 17.69 28.19
CA ILE A 294 -24.84 17.66 26.74
C ILE A 294 -25.93 16.77 26.19
N CYS A 295 -26.73 17.32 25.28
CA CYS A 295 -27.89 16.62 24.74
C CYS A 295 -28.55 15.76 25.81
N GLY A 296 -29.33 16.38 26.69
CA GLY A 296 -30.17 15.64 27.59
C GLY A 296 -31.52 16.29 27.80
N GLY A 297 -32.22 15.89 28.85
CA GLY A 297 -33.57 16.36 29.11
C GLY A 297 -33.94 16.32 30.57
N GLY A 298 -35.15 16.75 30.89
CA GLY A 298 -35.35 17.79 31.89
C GLY A 298 -36.61 17.58 32.70
N ASP A 299 -36.48 17.74 34.02
CA ASP A 299 -37.61 18.14 34.85
C ASP A 299 -37.68 19.66 34.98
N VAL A 300 -38.57 20.27 34.19
CA VAL A 300 -38.72 21.72 34.18
C VAL A 300 -39.31 22.27 35.45
N SER A 301 -40.25 21.55 36.04
CA SER A 301 -40.77 21.95 37.33
C SER A 301 -39.65 22.19 38.40
N LYS A 302 -38.43 21.70 38.16
CA LYS A 302 -37.44 21.67 39.24
C LYS A 302 -36.27 22.64 39.13
N VAL A 303 -36.28 23.51 38.13
CA VAL A 303 -35.11 24.36 37.89
C VAL A 303 -34.88 25.39 38.98
N GLU A 304 -35.87 25.56 39.84
CA GLU A 304 -35.76 26.53 40.91
C GLU A 304 -34.70 26.09 41.92
N ARG A 305 -34.55 24.79 42.14
CA ARG A 305 -33.55 24.26 43.07
C ARG A 305 -32.13 24.48 42.55
N ILE A 306 -32.01 24.62 41.23
CA ILE A 306 -30.70 24.69 40.58
C ILE A 306 -30.39 26.13 40.19
N LYS A 307 -31.29 27.02 40.59
CA LYS A 307 -31.16 28.45 40.27
C LYS A 307 -29.70 28.96 40.44
N ASP A 308 -28.98 28.48 41.45
CA ASP A 308 -27.65 29.01 41.77
C ASP A 308 -26.49 28.19 41.27
N ILE A 309 -26.74 27.05 40.64
CA ILE A 309 -25.67 26.25 40.05
C ILE A 309 -25.26 26.75 38.65
N PRO A 310 -23.99 27.16 38.47
CA PRO A 310 -23.54 27.49 37.08
C PRO A 310 -23.66 26.28 36.12
N ILE A 311 -24.32 26.49 34.98
CA ILE A 311 -24.64 25.39 34.09
C ILE A 311 -24.38 25.84 32.66
N TRP A 312 -23.65 25.05 31.89
CA TRP A 312 -23.45 25.40 30.48
C TRP A 312 -23.98 24.22 29.67
N VAL A 313 -25.13 24.43 29.06
CA VAL A 313 -25.82 23.44 28.25
C VAL A 313 -25.30 23.45 26.79
N PHE A 314 -25.22 22.27 26.17
CA PHE A 314 -24.79 22.11 24.79
C PHE A 314 -25.80 21.13 24.13
N HIS A 315 -26.14 21.39 22.86
CA HIS A 315 -27.05 20.54 22.08
C HIS A 315 -26.88 20.96 20.62
N ALA A 316 -27.17 20.08 19.67
CA ALA A 316 -27.14 20.51 18.28
C ALA A 316 -28.56 20.63 17.83
N GLU A 317 -28.82 21.72 17.10
CA GLU A 317 -30.15 22.05 16.56
C GLU A 317 -30.85 20.88 15.86
N ASP A 318 -30.08 20.17 15.04
CA ASP A 318 -30.59 19.06 14.26
C ASP A 318 -30.27 17.69 14.85
N ASP A 319 -30.13 17.59 16.18
CA ASP A 319 -29.98 16.25 16.82
C ASP A 319 -31.25 15.43 16.52
N PRO A 320 -31.12 14.31 15.76
CA PRO A 320 -32.28 13.51 15.39
C PRO A 320 -32.67 12.45 16.44
N VAL A 321 -31.86 12.30 17.49
CA VAL A 321 -32.10 11.32 18.55
C VAL A 321 -32.78 12.01 19.77
N VAL A 322 -32.20 13.13 20.22
CA VAL A 322 -32.67 13.88 21.35
C VAL A 322 -32.99 15.30 20.90
N PRO A 323 -34.29 15.61 20.72
CA PRO A 323 -34.77 16.90 20.19
C PRO A 323 -34.08 18.04 20.92
N VAL A 324 -33.66 19.08 20.20
CA VAL A 324 -32.88 20.17 20.82
C VAL A 324 -33.78 20.92 21.82
N GLU A 325 -35.10 20.83 21.58
CA GLU A 325 -36.07 21.50 22.45
C GLU A 325 -35.89 21.07 23.92
N ASN A 326 -35.45 19.83 24.12
CA ASN A 326 -35.09 19.34 25.41
C ASN A 326 -34.11 20.24 26.19
N SER A 327 -33.09 20.77 25.53
CA SER A 327 -32.18 21.73 26.19
C SER A 327 -32.79 23.12 26.24
N ARG A 328 -33.35 23.57 25.13
CA ARG A 328 -34.00 24.89 25.06
C ARG A 328 -34.97 25.16 26.17
N VAL A 329 -35.79 24.15 26.50
CA VAL A 329 -36.77 24.38 27.55
C VAL A 329 -36.12 24.61 28.92
N LEU A 330 -35.12 23.80 29.31
CA LEU A 330 -34.46 24.04 30.59
C LEU A 330 -33.76 25.40 30.58
N VAL A 331 -33.04 25.68 29.50
CA VAL A 331 -32.29 26.93 29.43
C VAL A 331 -33.21 28.15 29.54
N LYS A 332 -34.31 28.15 28.79
CA LYS A 332 -35.29 29.26 28.83
C LYS A 332 -35.69 29.57 30.25
N LYS A 333 -36.11 28.55 30.98
CA LYS A 333 -36.62 28.72 32.34
C LYS A 333 -35.48 29.16 33.25
N LEU A 334 -34.35 28.46 33.18
CA LEU A 334 -33.19 28.84 33.96
C LEU A 334 -32.94 30.34 33.83
N ALA A 335 -32.88 30.79 32.58
CA ALA A 335 -32.62 32.17 32.26
C ALA A 335 -33.63 33.14 32.90
N GLU A 336 -34.93 32.83 32.83
CA GLU A 336 -35.93 33.82 33.23
C GLU A 336 -36.14 33.89 34.72
N ILE A 337 -35.47 33.01 35.42
CA ILE A 337 -35.63 32.86 36.84
C ILE A 337 -34.39 33.42 37.56
N GLY A 338 -33.39 33.83 36.78
CA GLY A 338 -32.20 34.44 37.32
C GLY A 338 -30.98 33.53 37.32
N GLY A 339 -31.11 32.37 36.71
CA GLY A 339 -30.14 31.90 35.72
C GLY A 339 -28.85 31.29 36.26
N LYS A 340 -27.74 31.98 36.03
CA LYS A 340 -26.36 31.41 35.98
C LYS A 340 -26.34 30.20 35.01
N VAL A 341 -26.76 30.45 33.75
CA VAL A 341 -26.82 29.46 32.68
C VAL A 341 -26.20 30.00 31.39
N ARG A 342 -25.29 29.22 30.77
CA ARG A 342 -24.86 29.41 29.38
C ARG A 342 -25.39 28.31 28.46
N TYR A 343 -25.39 28.63 27.16
CA TYR A 343 -26.00 27.80 26.15
C TYR A 343 -25.40 28.11 24.80
N THR A 344 -24.72 27.09 24.29
CA THR A 344 -24.21 27.03 22.95
C THR A 344 -25.05 25.97 22.25
N GLU A 345 -25.79 26.34 21.20
CA GLU A 345 -26.54 25.39 20.39
C GLU A 345 -25.98 25.37 18.99
N TYR A 346 -25.28 24.29 18.67
CA TYR A 346 -24.73 24.05 17.36
C TYR A 346 -25.77 24.10 16.23
N GLU A 347 -25.59 25.07 15.32
CA GLU A 347 -26.43 25.25 14.13
C GLU A 347 -26.58 23.98 13.27
N LYS A 348 -27.78 23.83 12.70
CA LYS A 348 -28.07 22.83 11.67
C LYS A 348 -26.96 22.77 10.66
N GLY A 349 -26.48 21.58 10.36
CA GLY A 349 -25.37 21.43 9.43
C GLY A 349 -23.95 21.55 10.02
N PHE A 350 -23.78 22.26 11.13
CA PHE A 350 -22.46 22.43 11.73
C PHE A 350 -21.74 21.08 11.98
N MET A 351 -22.50 20.13 12.52
CA MET A 351 -21.95 18.84 12.84
C MET A 351 -21.50 18.09 11.58
N GLU A 352 -22.42 17.93 10.60
CA GLU A 352 -22.08 17.13 9.40
C GLU A 352 -20.96 17.81 8.62
N LYS A 353 -20.94 19.14 8.64
CA LYS A 353 -19.83 19.87 8.06
C LYS A 353 -18.53 19.38 8.64
N HIS A 354 -18.46 19.13 9.96
CA HIS A 354 -17.20 18.67 10.61
C HIS A 354 -17.04 17.15 10.64
N GLY A 355 -17.97 16.46 9.99
CA GLY A 355 -17.93 15.02 9.77
C GLY A 355 -18.54 14.21 10.89
N TRP A 356 -19.46 14.81 11.64
CA TRP A 356 -19.95 14.22 12.88
C TRP A 356 -21.44 14.03 12.73
N ASP A 357 -21.92 12.87 13.19
CA ASP A 357 -23.34 12.62 13.39
C ASP A 357 -23.91 13.78 14.29
N PRO A 358 -25.05 14.44 13.90
CA PRO A 358 -25.43 15.58 14.76
C PRO A 358 -25.82 15.20 16.19
N HIS A 359 -26.02 13.94 16.50
CA HIS A 359 -26.30 13.59 17.89
C HIS A 359 -25.03 13.73 18.78
N GLY A 360 -23.86 13.45 18.21
CA GLY A 360 -22.60 13.54 18.94
C GLY A 360 -22.10 14.92 19.36
N SER A 361 -22.99 15.79 19.81
CA SER A 361 -22.57 17.15 20.11
C SER A 361 -21.57 17.21 21.25
N TRP A 362 -21.31 16.06 21.87
CA TRP A 362 -20.32 16.03 22.97
C TRP A 362 -18.90 16.20 22.39
N ILE A 363 -18.75 15.85 21.12
CA ILE A 363 -17.48 15.96 20.41
C ILE A 363 -16.90 17.39 20.30
N PRO A 364 -17.63 18.37 19.72
CA PRO A 364 -17.00 19.68 19.81
C PRO A 364 -16.94 20.20 21.22
N THR A 365 -17.87 19.76 22.07
CA THR A 365 -18.01 20.36 23.39
C THR A 365 -16.79 20.05 24.23
N TYR A 366 -16.38 18.79 24.30
CA TYR A 366 -15.18 18.42 25.05
C TYR A 366 -13.91 18.93 24.40
N GLU A 367 -14.03 19.42 23.18
CA GLU A 367 -12.89 20.07 22.50
C GLU A 367 -12.87 21.60 22.73
N ASN A 368 -13.78 22.11 23.54
CA ASN A 368 -13.86 23.55 23.78
C ASN A 368 -13.08 24.00 25.04
N GLN A 369 -11.92 24.63 24.82
CA GLN A 369 -11.03 25.05 25.92
C GLN A 369 -11.74 26.06 26.84
N GLU A 370 -12.63 26.87 26.28
CA GLU A 370 -13.38 27.86 27.03
C GLU A 370 -14.26 27.14 28.08
N ALA A 371 -14.96 26.11 27.62
CA ALA A 371 -15.87 25.30 28.46
C ALA A 371 -15.14 24.63 29.61
N ILE A 372 -14.01 23.98 29.29
CA ILE A 372 -13.13 23.40 30.31
C ILE A 372 -12.67 24.43 31.35
N GLU A 373 -12.16 25.57 30.86
CA GLU A 373 -11.65 26.61 31.75
C GLU A 373 -12.76 27.11 32.63
N TRP A 374 -13.92 27.36 32.01
CA TRP A 374 -15.07 27.87 32.72
C TRP A 374 -15.48 26.93 33.85
N LEU A 375 -15.41 25.62 33.64
CA LEU A 375 -15.93 24.73 34.66
C LEU A 375 -15.05 24.92 35.88
N PHE A 376 -13.74 25.03 35.63
CA PHE A 376 -12.79 25.17 36.72
C PHE A 376 -12.83 26.49 37.50
N GLU A 377 -13.40 27.55 36.94
CA GLU A 377 -13.54 28.75 37.76
C GLU A 377 -14.81 28.70 38.63
N GLN A 378 -15.51 27.56 38.64
CA GLN A 378 -16.71 27.47 39.49
C GLN A 378 -16.42 26.81 40.85
N SER A 379 -17.29 27.09 41.83
CA SER A 379 -17.14 26.69 43.24
C SER A 379 -18.34 27.18 44.06
N ARG A 380 -18.45 26.77 45.33
CA ARG A 380 -19.47 27.31 46.26
C ARG A 380 -18.93 28.21 47.42
N VAL B 6 8.60 -23.26 2.63
CA VAL B 6 8.16 -22.96 1.26
C VAL B 6 9.22 -23.34 0.25
N LYS B 7 8.84 -24.14 -0.75
CA LYS B 7 9.79 -24.82 -1.58
C LYS B 7 10.61 -23.83 -2.38
N SER B 8 9.99 -22.71 -2.79
CA SER B 8 10.66 -21.70 -3.62
C SER B 8 9.77 -20.52 -3.81
N VAL B 9 10.41 -19.44 -4.20
CA VAL B 9 9.75 -18.26 -4.68
C VAL B 9 10.59 -17.83 -5.90
N THR B 10 9.91 -17.80 -7.05
CA THR B 10 10.51 -17.80 -8.37
C THR B 10 10.07 -16.50 -9.05
N LEU B 11 11.02 -15.64 -9.41
CA LEU B 11 10.67 -14.44 -10.14
C LEU B 11 10.43 -14.87 -11.57
N ILE B 12 9.35 -14.38 -12.19
CA ILE B 12 9.15 -14.58 -13.64
C ILE B 12 9.45 -13.29 -14.39
N THR B 13 10.24 -13.43 -15.45
CA THR B 13 10.52 -12.32 -16.35
C THR B 13 9.88 -12.59 -17.69
N LYS B 14 9.47 -11.51 -18.37
CA LYS B 14 8.88 -11.64 -19.69
C LYS B 14 9.33 -10.42 -20.46
N VAL B 15 9.60 -10.56 -21.75
CA VAL B 15 10.10 -9.45 -22.56
C VAL B 15 8.92 -8.66 -23.11
N PHE B 16 8.87 -7.41 -22.69
CA PHE B 16 7.81 -6.51 -23.06
C PHE B 16 8.36 -5.51 -24.07
N PRO B 17 7.45 -4.90 -24.86
CA PRO B 17 7.93 -4.12 -25.97
C PRO B 17 9.03 -3.16 -25.50
N GLU B 18 8.89 -2.68 -24.27
CA GLU B 18 9.86 -1.75 -23.63
C GLU B 18 11.17 -2.47 -23.20
N GLY B 19 11.17 -3.80 -23.18
CA GLY B 19 12.25 -4.56 -22.58
C GLY B 19 11.79 -5.55 -21.52
N GLU B 20 12.75 -6.28 -20.95
CA GLU B 20 12.47 -7.33 -19.97
C GLU B 20 12.01 -6.76 -18.63
N LYS B 21 11.01 -7.40 -18.01
CA LYS B 21 10.53 -6.95 -16.72
C LYS B 21 10.21 -8.09 -15.79
N VAL B 22 10.21 -7.85 -14.49
CA VAL B 22 9.67 -8.88 -13.62
C VAL B 22 8.11 -8.72 -13.57
N CYS B 23 7.37 -9.66 -14.14
CA CYS B 23 5.91 -9.57 -14.23
C CYS B 23 5.22 -10.50 -13.20
N ALA B 24 5.97 -11.40 -12.59
CA ALA B 24 5.36 -12.20 -11.54
C ALA B 24 6.36 -12.81 -10.60
N VAL B 25 5.81 -13.15 -9.44
CA VAL B 25 6.46 -13.93 -8.45
C VAL B 25 5.58 -15.14 -8.31
N VAL B 26 6.20 -16.32 -8.32
CA VAL B 26 5.50 -17.58 -8.09
C VAL B 26 6.06 -18.29 -6.86
N ILE B 27 5.19 -18.57 -5.90
CA ILE B 27 5.61 -19.12 -4.63
C ILE B 27 5.17 -20.57 -4.59
N GLU B 28 6.11 -21.47 -4.30
CA GLU B 28 5.73 -22.87 -4.14
C GLU B 28 5.46 -23.31 -2.71
N TYR B 29 4.21 -23.66 -2.45
CA TYR B 29 3.82 -24.07 -1.11
C TYR B 29 4.01 -25.56 -0.94
N PRO B 30 4.08 -26.03 0.31
CA PRO B 30 4.19 -27.47 0.56
C PRO B 30 2.81 -28.08 0.75
N VAL B 31 1.79 -27.31 0.43
CA VAL B 31 0.46 -27.79 0.57
C VAL B 31 -0.32 -27.03 -0.49
N GLU B 32 -1.62 -27.27 -0.55
CA GLU B 32 -2.38 -26.77 -1.65
C GLU B 32 -3.28 -25.62 -1.27
N ILE B 33 -2.90 -24.44 -1.79
CA ILE B 33 -3.57 -23.17 -1.49
C ILE B 33 -4.89 -22.97 -2.22
N ASP B 34 -5.90 -22.51 -1.48
CA ASP B 34 -7.21 -22.15 -2.05
C ASP B 34 -7.17 -20.76 -2.67
N GLY B 35 -7.01 -20.71 -3.99
CA GLY B 35 -6.94 -19.47 -4.75
C GLY B 35 -8.15 -18.57 -4.64
N GLN B 36 -9.35 -19.15 -4.62
CA GLN B 36 -10.61 -18.40 -4.47
C GLN B 36 -10.58 -17.29 -3.43
N LYS B 37 -9.77 -17.49 -2.40
CA LYS B 37 -9.79 -16.72 -1.17
C LYS B 37 -8.53 -15.88 -1.08
N LEU B 38 -7.63 -16.07 -2.04
CA LEU B 38 -6.45 -15.25 -2.16
C LEU B 38 -6.78 -13.82 -2.64
N SER B 39 -5.93 -12.86 -2.27
CA SER B 39 -6.11 -11.48 -2.70
C SER B 39 -4.81 -10.64 -2.60
N PRO B 40 -4.64 -9.66 -3.49
CA PRO B 40 -3.39 -8.87 -3.50
C PRO B 40 -2.94 -8.32 -2.16
N ASP B 41 -3.86 -7.86 -1.33
CA ASP B 41 -3.50 -7.29 -0.02
C ASP B 41 -3.00 -8.33 1.02
N GLN B 42 -2.81 -9.60 0.64
CA GLN B 42 -2.31 -10.62 1.54
C GLN B 42 -0.79 -10.71 1.46
N PHE B 43 -0.23 -10.18 0.38
CA PHE B 43 1.19 -10.29 0.09
C PHE B 43 1.89 -8.96 -0.12
N SER B 44 3.22 -8.98 -0.08
CA SER B 44 4.02 -7.86 -0.51
C SER B 44 5.18 -8.36 -1.35
N VAL B 45 5.55 -7.63 -2.38
CA VAL B 45 6.73 -7.95 -3.19
C VAL B 45 7.51 -6.65 -3.33
N LYS B 46 8.80 -6.67 -3.06
CA LYS B 46 9.60 -5.44 -3.18
C LYS B 46 10.86 -5.73 -3.93
N VAL B 47 11.40 -4.69 -4.55
CA VAL B 47 12.61 -4.84 -5.34
C VAL B 47 13.72 -3.98 -4.78
N LYS B 48 14.91 -4.55 -4.71
CA LYS B 48 16.07 -3.77 -4.27
C LYS B 48 16.59 -2.96 -5.43
N THR B 49 16.61 -1.64 -5.24
CA THR B 49 17.33 -0.76 -6.13
C THR B 49 17.84 0.37 -5.26
N GLY B 50 19.13 0.68 -5.39
CA GLY B 50 20.16 -0.33 -5.27
C GLY B 50 20.69 -0.46 -3.86
N ASP B 51 19.81 -0.24 -2.89
CA ASP B 51 20.23 0.18 -1.56
C ASP B 51 19.04 0.55 -0.69
N THR B 52 17.95 0.95 -1.33
CA THR B 52 16.62 0.79 -0.76
C THR B 52 15.78 -0.18 -1.57
N TYR B 53 14.67 -0.65 -0.99
CA TYR B 53 13.70 -1.45 -1.71
C TYR B 53 12.50 -0.57 -2.07
N SER B 54 11.83 -0.85 -3.17
CA SER B 54 10.58 -0.14 -3.42
C SER B 54 9.51 -1.13 -3.84
N SER B 55 8.25 -0.78 -3.61
CA SER B 55 7.16 -1.73 -3.75
C SER B 55 6.81 -2.05 -5.15
N ARG B 56 6.35 -3.28 -5.35
CA ARG B 56 5.78 -3.63 -6.62
C ARG B 56 4.31 -3.82 -6.41
N THR B 57 3.55 -3.34 -7.37
CA THR B 57 2.12 -3.40 -7.33
C THR B 57 1.67 -4.78 -7.75
N ILE B 58 1.06 -5.52 -6.82
CA ILE B 58 0.48 -6.81 -7.14
C ILE B 58 -0.94 -6.57 -7.72
N THR B 59 -1.20 -7.05 -8.93
CA THR B 59 -2.47 -6.72 -9.56
C THR B 59 -3.49 -7.88 -9.41
N LYS B 60 -2.98 -9.10 -9.38
CA LYS B 60 -3.80 -10.32 -9.35
C LYS B 60 -3.12 -11.45 -8.57
N VAL B 61 -3.92 -12.31 -7.97
CA VAL B 61 -3.41 -13.49 -7.29
C VAL B 61 -4.14 -14.75 -7.74
N TYR B 62 -3.44 -15.87 -7.75
CA TYR B 62 -4.06 -17.16 -8.03
C TYR B 62 -3.03 -18.29 -7.97
N ALA B 63 -3.38 -19.44 -8.52
CA ALA B 63 -2.89 -20.73 -8.02
C ALA B 63 -2.96 -21.80 -9.10
N ASN B 64 -2.14 -22.84 -8.95
CA ASN B 64 -2.18 -23.97 -9.86
C ASN B 64 -1.14 -25.03 -9.51
N ASN B 65 -1.25 -26.21 -10.11
CA ASN B 65 -0.18 -27.19 -10.09
C ASN B 65 0.73 -27.07 -11.31
N SER B 66 0.85 -25.87 -11.84
CA SER B 66 1.60 -25.63 -13.07
C SER B 66 2.86 -24.83 -12.81
N GLY B 67 2.73 -23.51 -12.82
CA GLY B 67 3.60 -22.64 -12.05
C GLY B 67 4.30 -21.61 -12.91
N GLY B 68 3.95 -21.57 -14.20
CA GLY B 68 3.83 -20.33 -14.93
C GLY B 68 2.49 -19.65 -14.70
N LEU B 69 2.14 -18.73 -15.59
CA LEU B 69 1.16 -17.70 -15.29
C LEU B 69 -0.24 -18.11 -15.73
N SER B 70 -0.52 -19.40 -15.63
CA SER B 70 -1.78 -19.96 -16.18
C SER B 70 -2.94 -19.90 -15.20
N PHE B 71 -3.85 -18.97 -15.45
CA PHE B 71 -5.00 -18.78 -14.59
C PHE B 71 -6.16 -19.62 -15.12
N SER B 72 -6.81 -20.37 -14.23
CA SER B 72 -8.05 -21.06 -14.58
C SER B 72 -9.15 -20.84 -13.55
N ILE B 73 -10.28 -20.27 -13.95
CA ILE B 73 -11.41 -20.10 -13.00
C ILE B 73 -12.04 -21.41 -12.40
N PHE B 74 -11.83 -22.56 -13.04
CA PHE B 74 -12.50 -23.79 -12.57
C PHE B 74 -11.74 -24.54 -11.48
N ASN B 75 -10.42 -24.56 -11.54
CA ASN B 75 -9.72 -24.78 -10.29
C ASN B 75 -8.61 -23.83 -10.01
N ASN B 76 -9.00 -22.87 -9.19
CA ASN B 76 -8.15 -21.93 -8.59
C ASN B 76 -7.43 -22.57 -7.39
N ARG B 77 -6.38 -23.36 -7.69
CA ARG B 77 -5.48 -24.02 -6.70
C ARG B 77 -4.24 -24.61 -7.42
N GLY B 78 -3.20 -25.12 -6.74
CA GLY B 78 -3.01 -25.06 -5.31
C GLY B 78 -1.53 -24.89 -4.97
N LYS B 79 -0.72 -25.91 -5.20
CA LYS B 79 0.62 -25.90 -4.68
C LYS B 79 1.25 -24.53 -4.95
N TYR B 80 0.93 -23.97 -6.11
CA TYR B 80 1.60 -22.78 -6.67
C TYR B 80 0.77 -21.48 -6.59
N VAL B 81 1.35 -20.45 -5.95
CA VAL B 81 0.69 -19.14 -5.90
C VAL B 81 1.41 -18.10 -6.76
N VAL B 82 0.67 -17.59 -7.73
CA VAL B 82 1.15 -16.53 -8.59
C VAL B 82 0.72 -15.16 -8.15
N LEU B 83 1.69 -14.28 -7.98
CA LEU B 83 1.41 -12.90 -7.73
C LEU B 83 1.85 -12.19 -8.98
N GLU B 84 0.87 -11.61 -9.72
CA GLU B 84 1.20 -10.74 -10.87
C GLU B 84 1.59 -9.35 -10.45
N LEU B 85 2.57 -8.80 -11.17
CA LEU B 85 3.08 -7.47 -10.89
C LEU B 85 2.72 -6.46 -12.02
N SER B 86 2.60 -5.17 -11.67
CA SER B 86 2.27 -4.16 -12.66
C SER B 86 3.47 -3.84 -13.50
N THR B 87 3.30 -3.89 -14.81
CA THR B 87 4.36 -3.47 -15.73
C THR B 87 4.51 -1.94 -15.80
N GLU B 88 3.64 -1.21 -15.14
CA GLU B 88 3.80 0.23 -15.14
C GLU B 88 4.60 0.70 -13.95
N ASP B 89 4.94 -0.20 -13.02
CA ASP B 89 5.78 0.16 -11.89
C ASP B 89 7.10 0.78 -12.34
N LEU B 90 7.63 1.71 -11.55
CA LEU B 90 8.88 2.38 -11.87
C LEU B 90 10.02 1.38 -12.03
N HIS B 91 10.29 0.62 -10.98
CA HIS B 91 11.34 -0.39 -11.03
C HIS B 91 10.75 -1.73 -11.40
N SER B 92 10.18 -1.84 -12.60
CA SER B 92 9.84 -3.14 -13.15
C SER B 92 10.91 -3.71 -14.10
N ASN B 93 11.60 -2.80 -14.79
CA ASN B 93 12.66 -3.11 -15.76
C ASN B 93 13.88 -3.72 -15.10
N THR B 94 14.43 -4.72 -15.77
CA THR B 94 15.62 -5.37 -15.32
C THR B 94 16.85 -4.69 -15.88
N ILE B 95 16.65 -3.90 -16.93
CA ILE B 95 17.74 -3.25 -17.62
C ILE B 95 17.74 -1.77 -17.28
N VAL B 96 18.86 -1.25 -16.77
CA VAL B 96 19.06 0.20 -16.53
C VAL B 96 19.98 0.81 -17.59
N PHE B 97 19.46 1.86 -18.25
CA PHE B 97 20.18 2.55 -19.34
C PHE B 97 21.18 3.61 -18.88
N GLY B 98 22.29 3.13 -18.34
CA GLY B 98 23.36 4.01 -17.90
C GLY B 98 23.92 4.82 -19.05
N PRO B 99 24.79 5.77 -18.72
CA PRO B 99 24.81 7.08 -19.41
C PRO B 99 25.65 7.12 -20.70
N ASN B 100 25.43 6.15 -21.58
CA ASN B 100 26.19 6.07 -22.82
C ASN B 100 25.32 5.66 -23.99
N PHE B 101 25.86 4.80 -24.84
CA PHE B 101 25.05 3.90 -25.65
C PHE B 101 25.33 2.52 -25.02
N LEU B 102 25.09 2.38 -23.71
CA LEU B 102 25.45 1.14 -22.98
C LEU B 102 24.63 0.84 -21.71
N ASN B 103 23.67 -0.07 -21.87
CA ASN B 103 22.76 -0.45 -20.82
C ASN B 103 23.28 -1.64 -20.12
N THR B 104 22.81 -1.83 -18.90
CA THR B 104 23.20 -3.00 -18.16
C THR B 104 22.00 -3.63 -17.43
N ARG B 105 22.15 -4.92 -17.10
CA ARG B 105 21.12 -5.70 -16.42
C ARG B 105 21.58 -6.05 -15.01
N MET B 106 21.05 -5.29 -14.06
CA MET B 106 21.20 -5.55 -12.64
C MET B 106 20.88 -7.01 -12.30
N LYS B 107 21.71 -7.61 -11.46
CA LYS B 107 21.34 -8.83 -10.75
C LYS B 107 20.01 -8.62 -9.97
N LEU B 108 19.12 -9.61 -9.99
CA LEU B 108 17.75 -9.40 -9.49
C LEU B 108 17.62 -9.61 -7.99
N ASP B 109 17.06 -8.61 -7.31
CA ASP B 109 17.10 -8.61 -5.85
C ASP B 109 15.74 -8.31 -5.21
N TYR B 110 15.02 -9.37 -4.91
CA TYR B 110 13.62 -9.29 -4.47
C TYR B 110 13.40 -9.84 -3.07
N ILE B 111 12.51 -9.20 -2.33
CA ILE B 111 12.03 -9.75 -1.10
C ILE B 111 10.53 -9.86 -1.21
N VAL B 112 10.01 -10.97 -0.73
CA VAL B 112 8.61 -11.34 -0.85
C VAL B 112 8.09 -11.78 0.52
N SER B 113 6.90 -11.28 0.89
CA SER B 113 6.25 -11.80 2.07
C SER B 113 4.78 -12.10 1.83
N GLN B 114 4.35 -13.24 2.34
CA GLN B 114 2.96 -13.46 2.65
C GLN B 114 2.71 -12.83 3.99
N LEU B 115 1.80 -11.87 4.01
CA LEU B 115 1.64 -10.96 5.14
C LEU B 115 0.75 -11.50 6.24
N VAL B 116 -0.36 -12.12 5.88
CA VAL B 116 -1.38 -12.63 6.80
C VAL B 116 -1.57 -14.13 6.53
N PRO B 117 -2.24 -14.87 7.46
CA PRO B 117 -2.49 -16.28 7.16
C PRO B 117 -3.44 -16.43 5.97
N ILE B 118 -3.20 -17.45 5.15
CA ILE B 118 -4.06 -17.81 4.00
C ILE B 118 -4.62 -19.26 4.12
N PHE B 119 -5.79 -19.49 3.51
CA PHE B 119 -6.48 -20.76 3.65
C PHE B 119 -6.02 -21.76 2.61
N ASP B 120 -5.71 -23.00 3.01
CA ASP B 120 -5.45 -24.06 2.01
C ASP B 120 -6.76 -24.80 1.67
N VAL B 121 -6.70 -25.79 0.78
CA VAL B 121 -7.91 -26.40 0.23
C VAL B 121 -8.70 -27.13 1.30
N ASP B 122 -8.01 -27.60 2.34
CA ASP B 122 -8.63 -28.34 3.41
C ASP B 122 -8.89 -27.46 4.63
N GLY B 123 -8.78 -26.15 4.43
CA GLY B 123 -9.35 -25.18 5.35
C GLY B 123 -8.48 -24.98 6.58
N ASN B 124 -7.21 -25.39 6.49
CA ASN B 124 -6.19 -24.95 7.43
C ASN B 124 -5.76 -23.51 7.18
N GLU B 125 -5.07 -22.93 8.15
CA GLU B 125 -4.32 -21.70 7.93
C GLU B 125 -2.90 -22.00 7.48
N VAL B 126 -2.38 -21.18 6.56
CA VAL B 126 -0.96 -21.20 6.23
C VAL B 126 -0.31 -19.91 6.76
N GLU B 127 0.66 -20.11 7.62
CA GLU B 127 1.25 -19.03 8.36
C GLU B 127 2.10 -18.05 7.51
N PRO B 128 2.20 -16.80 7.95
CA PRO B 128 3.04 -15.80 7.30
C PRO B 128 4.46 -16.30 7.09
N PHE B 129 5.11 -15.81 6.03
CA PHE B 129 6.56 -15.99 5.86
C PHE B 129 7.06 -14.80 5.06
N THR B 130 8.38 -14.63 5.09
CA THR B 130 9.09 -13.62 4.29
C THR B 130 10.30 -14.27 3.67
N SER B 131 10.65 -13.89 2.46
CA SER B 131 11.81 -14.51 1.81
C SER B 131 12.38 -13.68 0.66
N LYS B 132 13.69 -13.72 0.47
CA LYS B 132 14.32 -13.29 -0.80
C LYS B 132 13.87 -14.34 -1.87
N GLN B 133 14.07 -14.06 -3.17
CA GLN B 133 13.83 -15.10 -4.20
C GLN B 133 14.84 -16.27 -4.18
N THR B 134 14.39 -17.43 -4.61
CA THR B 134 15.22 -18.61 -4.66
C THR B 134 15.55 -18.87 -6.14
N ASP B 135 14.99 -18.02 -7.03
CA ASP B 135 15.03 -18.21 -8.48
C ASP B 135 14.65 -17.04 -9.36
N GLU B 136 15.19 -17.06 -10.59
CA GLU B 136 14.57 -16.36 -11.71
C GLU B 136 14.03 -17.48 -12.63
N LYS B 137 13.06 -17.15 -13.47
CA LYS B 137 12.76 -17.89 -14.71
C LYS B 137 12.51 -16.89 -15.85
N HIS B 138 13.23 -17.02 -16.96
CA HIS B 138 13.18 -16.03 -18.01
C HIS B 138 12.35 -16.48 -19.21
N LEU B 139 11.12 -15.97 -19.33
CA LEU B 139 10.16 -16.52 -20.30
C LEU B 139 10.53 -16.27 -21.77
N ILE B 140 10.44 -17.35 -22.56
CA ILE B 140 10.85 -17.34 -23.97
C ILE B 140 12.30 -16.91 -24.21
N ILE B 141 13.05 -16.74 -23.13
CA ILE B 141 14.41 -16.20 -23.22
C ILE B 141 15.30 -17.25 -22.60
N ASP B 142 14.64 -18.27 -22.06
CA ASP B 142 15.28 -19.44 -21.58
C ASP B 142 15.16 -20.52 -22.62
N ASP B 143 14.39 -20.26 -23.66
CA ASP B 143 14.38 -21.20 -24.77
C ASP B 143 15.37 -20.86 -25.88
N PHE B 144 16.22 -19.86 -25.71
CA PHE B 144 17.23 -19.55 -26.70
C PHE B 144 18.52 -20.15 -26.19
N LEU B 145 19.14 -21.00 -26.99
CA LEU B 145 20.41 -21.60 -26.63
C LEU B 145 21.53 -20.54 -26.57
N ALA B 146 22.43 -20.64 -25.58
CA ALA B 146 23.60 -19.76 -25.59
C ALA B 146 24.79 -20.47 -26.24
N PHE B 147 25.51 -19.74 -27.08
CA PHE B 147 26.64 -20.28 -27.82
C PHE B 147 27.66 -19.21 -27.98
N THR B 148 28.88 -19.60 -28.28
CA THR B 148 29.88 -18.61 -28.68
C THR B 148 30.52 -19.00 -30.00
N PHE B 149 30.88 -17.99 -30.80
CA PHE B 149 31.55 -18.23 -32.05
C PHE B 149 32.71 -17.28 -32.07
N LYS B 150 33.88 -17.86 -32.36
CA LYS B 150 35.15 -17.14 -32.55
C LYS B 150 35.46 -17.17 -34.03
N ASP B 151 35.81 -16.03 -34.60
CA ASP B 151 36.00 -15.88 -36.05
C ASP B 151 37.37 -16.45 -36.46
N PRO B 152 37.51 -17.82 -36.54
CA PRO B 152 38.84 -18.33 -36.90
C PRO B 152 38.91 -18.41 -38.42
N GLU B 153 39.98 -17.95 -39.09
CA GLU B 153 41.32 -17.58 -38.54
C GLU B 153 41.48 -17.15 -37.06
N THR B 154 40.89 -15.99 -36.74
CA THR B 154 40.90 -15.33 -35.42
C THR B 154 40.62 -13.81 -35.55
N GLY B 155 39.85 -13.22 -34.62
CA GLY B 155 39.40 -13.93 -33.44
C GLY B 155 38.34 -13.25 -32.62
N VAL B 156 37.75 -12.17 -33.13
CA VAL B 156 36.58 -11.58 -32.50
C VAL B 156 35.57 -12.66 -32.10
N GLU B 157 35.24 -12.72 -30.81
CA GLU B 157 34.29 -13.68 -30.32
C GLU B 157 32.91 -13.04 -30.31
N ILE B 158 31.91 -13.83 -30.69
CA ILE B 158 30.58 -13.30 -30.82
C ILE B 158 29.67 -14.25 -30.09
N PRO B 159 29.13 -13.82 -28.92
CA PRO B 159 28.13 -14.63 -28.25
C PRO B 159 26.85 -14.53 -29.06
N TYR B 160 26.09 -15.61 -29.09
CA TYR B 160 24.80 -15.56 -29.72
C TYR B 160 23.77 -16.45 -29.10
N ARG B 161 22.52 -16.11 -29.36
CA ARG B 161 21.39 -16.85 -28.85
C ARG B 161 20.66 -17.40 -30.03
N LEU B 162 20.20 -18.63 -29.89
CA LEU B 162 19.58 -19.30 -31.00
C LEU B 162 18.37 -20.03 -30.52
N PHE B 163 17.24 -19.72 -31.14
CA PHE B 163 16.02 -20.40 -30.87
C PHE B 163 15.90 -21.43 -31.94
N VAL B 164 15.69 -22.67 -31.50
CA VAL B 164 15.38 -23.80 -32.36
C VAL B 164 13.91 -24.19 -32.19
N PRO B 165 13.15 -24.31 -33.28
CA PRO B 165 11.74 -24.66 -33.08
C PRO B 165 11.54 -25.98 -32.40
N LYS B 166 10.46 -26.09 -31.65
CA LYS B 166 9.98 -27.37 -31.18
C LYS B 166 8.60 -27.64 -31.75
N ASP B 167 8.06 -28.82 -31.45
CA ASP B 167 8.64 -30.06 -31.93
C ASP B 167 8.11 -30.41 -33.32
N VAL B 168 8.98 -30.31 -34.31
CA VAL B 168 8.56 -29.93 -35.66
C VAL B 168 9.27 -30.79 -36.70
N ASN B 169 8.50 -31.61 -37.40
CA ASN B 169 9.05 -32.74 -38.14
C ASN B 169 10.42 -32.42 -38.75
N PRO B 170 11.43 -33.28 -38.48
CA PRO B 170 12.83 -32.95 -38.86
C PRO B 170 13.21 -33.19 -40.34
N ASP B 171 12.30 -33.72 -41.14
CA ASP B 171 12.60 -33.91 -42.55
C ASP B 171 11.97 -32.79 -43.39
N ARG B 172 12.09 -31.57 -42.87
CA ARG B 172 11.57 -30.37 -43.50
C ARG B 172 12.57 -29.23 -43.15
N LYS B 173 12.65 -28.20 -43.98
CA LYS B 173 13.51 -27.03 -43.66
C LYS B 173 12.66 -25.82 -43.21
N TYR B 174 13.17 -24.99 -42.30
CA TYR B 174 12.38 -23.87 -41.73
C TYR B 174 13.14 -22.57 -41.82
N PRO B 175 12.42 -21.44 -41.85
CA PRO B 175 13.06 -20.13 -41.99
C PRO B 175 14.01 -19.83 -40.84
N LEU B 176 15.00 -18.99 -41.13
CA LEU B 176 15.80 -18.42 -40.07
C LEU B 176 15.44 -16.95 -39.96
N VAL B 177 15.06 -16.51 -38.77
CA VAL B 177 15.02 -15.07 -38.53
C VAL B 177 16.28 -14.62 -37.76
N VAL B 178 17.04 -13.72 -38.37
CA VAL B 178 18.28 -13.17 -37.79
C VAL B 178 17.97 -11.78 -37.32
N PHE B 179 18.27 -11.47 -36.05
CA PHE B 179 18.00 -10.20 -35.44
C PHE B 179 19.26 -9.44 -35.01
N LEU B 180 19.28 -8.12 -35.25
CA LEU B 180 20.42 -7.27 -34.85
C LEU B 180 20.02 -6.11 -33.94
N HIS B 181 20.35 -6.23 -32.67
CA HIS B 181 20.16 -5.15 -31.72
C HIS B 181 21.08 -3.99 -32.06
N GLY B 182 20.65 -2.78 -31.71
CA GLY B 182 20.73 -2.33 -30.35
C GLY B 182 22.14 -1.83 -30.06
N ALA B 183 22.37 -0.54 -30.24
CA ALA B 183 23.59 0.05 -29.62
C ALA B 183 23.58 -0.22 -28.14
N GLY B 184 22.50 0.17 -27.48
CA GLY B 184 22.37 -0.07 -26.03
C GLY B 184 22.65 -1.50 -25.58
N GLU B 185 22.30 -2.48 -26.40
CA GLU B 185 22.39 -3.92 -26.06
C GLU B 185 23.79 -4.53 -26.34
N ARG B 186 24.73 -3.71 -26.82
CA ARG B 186 26.10 -4.18 -26.95
C ARG B 186 26.65 -4.64 -25.62
N GLY B 187 27.57 -5.60 -25.69
CA GLY B 187 28.11 -6.22 -24.50
C GLY B 187 28.57 -7.63 -24.82
N THR B 188 28.65 -8.46 -23.78
CA THR B 188 29.45 -9.64 -23.84
C THR B 188 28.71 -10.68 -23.04
N ASP B 189 27.64 -10.25 -22.40
CA ASP B 189 26.88 -11.13 -21.54
C ASP B 189 25.97 -12.15 -22.23
N ASN B 190 25.72 -11.98 -23.54
CA ASN B 190 24.81 -12.87 -24.31
C ASN B 190 23.35 -12.85 -23.83
N TYR B 191 22.92 -11.70 -23.27
CA TYR B 191 21.56 -11.57 -22.70
C TYR B 191 20.84 -10.29 -23.15
N LEU B 192 21.48 -9.16 -22.96
CA LEU B 192 20.98 -7.87 -23.44
C LEU B 192 20.29 -7.92 -24.80
N GLN B 193 20.92 -8.55 -25.78
CA GLN B 193 20.39 -8.62 -27.19
C GLN B 193 19.00 -9.23 -27.29
N VAL B 194 18.73 -10.14 -26.38
CA VAL B 194 17.50 -10.85 -26.41
C VAL B 194 16.45 -10.28 -25.42
N ALA B 195 16.89 -9.37 -24.55
CA ALA B 195 16.10 -8.82 -23.46
C ALA B 195 15.75 -7.30 -23.62
N GLY B 196 16.56 -6.55 -24.38
CA GLY B 196 16.33 -5.13 -24.58
C GLY B 196 14.94 -4.76 -25.13
N ASN B 197 14.37 -5.62 -25.97
CA ASN B 197 13.10 -5.35 -26.61
C ASN B 197 12.65 -6.64 -27.22
N ARG B 198 11.55 -6.61 -27.97
CA ARG B 198 10.96 -7.84 -28.53
C ARG B 198 11.57 -8.26 -29.86
N GLY B 199 12.66 -7.60 -30.25
CA GLY B 199 13.35 -7.92 -31.53
C GLY B 199 13.58 -9.40 -31.84
N ALA B 200 14.04 -10.17 -30.86
CA ALA B 200 14.40 -11.58 -31.09
C ALA B 200 13.26 -12.51 -30.69
N VAL B 201 12.57 -12.10 -29.67
CA VAL B 201 11.61 -12.93 -28.95
C VAL B 201 10.21 -13.01 -29.60
N VAL B 202 9.83 -11.95 -30.28
CA VAL B 202 8.53 -11.90 -30.96
C VAL B 202 8.35 -13.09 -31.89
N TRP B 203 9.41 -13.44 -32.61
CA TRP B 203 9.33 -14.55 -33.57
C TRP B 203 9.15 -15.88 -32.86
N ALA B 204 9.53 -15.92 -31.58
CA ALA B 204 9.52 -17.17 -30.83
C ALA B 204 8.28 -17.39 -30.04
N GLN B 205 7.33 -16.48 -30.10
CA GLN B 205 6.07 -16.62 -29.37
C GLN B 205 5.18 -17.75 -29.93
N PRO B 206 4.63 -18.63 -29.05
CA PRO B 206 3.67 -19.63 -29.57
C PRO B 206 2.70 -19.10 -30.61
N ARG B 207 2.18 -17.90 -30.44
CA ARG B 207 1.21 -17.38 -31.43
C ARG B 207 1.72 -17.42 -32.85
N TYR B 208 3.01 -17.27 -33.06
CA TYR B 208 3.48 -17.16 -34.41
C TYR B 208 4.11 -18.45 -34.78
N GLN B 209 4.76 -19.10 -33.81
CA GLN B 209 5.44 -20.41 -34.03
C GLN B 209 4.48 -21.53 -34.48
N VAL B 210 3.24 -21.51 -33.99
CA VAL B 210 2.28 -22.58 -34.34
C VAL B 210 1.98 -22.50 -35.81
N VAL B 211 2.20 -21.33 -36.38
CA VAL B 211 1.81 -21.11 -37.77
C VAL B 211 2.98 -20.78 -38.70
N HIS B 212 4.09 -20.28 -38.16
CA HIS B 212 5.34 -20.15 -38.91
C HIS B 212 6.50 -20.69 -38.05
N PRO B 213 6.57 -22.03 -37.91
CA PRO B 213 7.70 -22.50 -37.06
C PRO B 213 9.02 -22.03 -37.68
N CYS B 214 9.98 -21.60 -36.86
CA CYS B 214 11.25 -21.10 -37.41
C CYS B 214 12.34 -20.92 -36.38
N PHE B 215 13.57 -20.76 -36.85
CA PHE B 215 14.70 -20.43 -35.97
C PHE B 215 14.87 -18.95 -35.84
N VAL B 216 15.41 -18.52 -34.69
CA VAL B 216 15.88 -17.14 -34.57
C VAL B 216 17.29 -17.03 -34.02
N LEU B 217 18.04 -16.09 -34.58
CA LEU B 217 19.43 -15.85 -34.25
C LEU B 217 19.60 -14.44 -33.72
N ALA B 218 20.00 -14.31 -32.46
CA ALA B 218 20.29 -13.00 -31.90
C ALA B 218 21.72 -12.92 -31.45
N PRO B 219 22.59 -12.50 -32.33
CA PRO B 219 23.97 -12.34 -31.95
C PRO B 219 24.15 -11.08 -31.16
N GLN B 220 25.31 -10.94 -30.52
CA GLN B 220 25.59 -9.78 -29.68
C GLN B 220 26.90 -9.06 -30.07
N CYS B 221 26.85 -7.77 -30.35
CA CYS B 221 28.02 -7.00 -30.77
C CYS B 221 28.81 -6.55 -29.54
N PRO B 222 30.13 -6.78 -29.53
CA PRO B 222 30.89 -6.27 -28.38
C PRO B 222 30.79 -4.76 -28.29
N PRO B 223 31.02 -4.21 -27.08
CA PRO B 223 31.20 -2.78 -26.76
C PRO B 223 32.19 -2.07 -27.67
N ASN B 224 32.02 -0.79 -27.90
CA ASN B 224 33.03 -0.11 -28.75
C ASN B 224 33.05 -0.52 -30.23
N SER B 225 32.32 -1.57 -30.59
CA SER B 225 32.06 -1.90 -32.00
C SER B 225 30.56 -1.78 -32.40
N SER B 226 30.29 -1.91 -33.70
CA SER B 226 28.94 -1.88 -34.23
C SER B 226 28.88 -2.84 -35.37
N TRP B 227 27.71 -2.96 -36.00
CA TRP B 227 27.51 -3.97 -37.03
C TRP B 227 28.12 -3.45 -38.31
N SER B 228 27.81 -2.20 -38.62
CA SER B 228 28.40 -1.52 -39.75
C SER B 228 29.51 -0.63 -39.20
N THR B 229 30.29 -0.03 -40.06
CA THR B 229 31.27 0.94 -39.60
C THR B 229 30.57 2.22 -39.14
N LEU B 230 29.46 2.07 -38.43
CA LEU B 230 28.72 3.24 -37.90
C LEU B 230 29.54 3.91 -36.79
N PHE B 231 29.83 3.14 -35.74
CA PHE B 231 30.54 3.62 -34.54
C PHE B 231 32.08 3.49 -34.64
N THR B 232 32.57 3.17 -35.84
CA THR B 232 34.01 2.92 -36.02
C THR B 232 34.60 3.65 -37.23
N ASP B 233 33.72 4.29 -38.02
CA ASP B 233 34.08 5.26 -39.07
C ASP B 233 35.13 4.80 -40.08
N ASN B 236 31.79 7.72 -43.86
CA ASN B 236 30.64 6.80 -44.07
C ASN B 236 30.53 5.64 -43.06
N PRO B 237 29.32 5.44 -42.50
CA PRO B 237 29.05 4.38 -41.51
C PRO B 237 28.37 3.12 -42.08
N PHE B 238 28.63 2.79 -43.35
CA PHE B 238 27.82 1.77 -44.08
C PHE B 238 28.50 0.43 -44.38
N ASN B 239 29.81 0.34 -44.15
CA ASN B 239 30.54 -0.88 -44.50
C ASN B 239 30.46 -1.97 -43.44
N PRO B 240 30.71 -3.22 -43.84
CA PRO B 240 30.57 -4.19 -42.78
C PRO B 240 31.72 -4.06 -41.78
N GLU B 241 31.39 -4.05 -40.49
CA GLU B 241 32.40 -4.10 -39.43
C GLU B 241 32.52 -5.57 -39.00
N LYS B 242 33.64 -5.93 -38.37
CA LYS B 242 33.92 -7.36 -38.13
C LYS B 242 32.85 -8.12 -37.33
N PRO B 243 32.14 -7.43 -36.41
CA PRO B 243 31.05 -8.20 -35.83
C PRO B 243 29.99 -8.62 -36.85
N LEU B 244 29.62 -7.74 -37.79
CA LEU B 244 28.60 -8.16 -38.76
C LEU B 244 29.15 -9.26 -39.64
N LEU B 245 30.35 -9.01 -40.16
CA LEU B 245 31.15 -10.05 -40.82
C LEU B 245 31.07 -11.39 -40.12
N ALA B 246 31.34 -11.44 -38.82
CA ALA B 246 31.25 -12.71 -38.12
C ALA B 246 29.83 -13.35 -38.16
N VAL B 247 28.77 -12.53 -38.06
CA VAL B 247 27.35 -13.02 -38.09
C VAL B 247 27.04 -13.82 -39.36
N ILE B 248 27.51 -13.31 -40.49
CA ILE B 248 27.31 -14.03 -41.73
C ILE B 248 27.86 -15.44 -41.62
N LYS B 249 29.05 -15.56 -41.04
CA LYS B 249 29.69 -16.87 -40.80
C LYS B 249 28.90 -17.75 -39.84
N ILE B 250 28.33 -17.14 -38.80
CA ILE B 250 27.45 -17.88 -37.90
C ILE B 250 26.25 -18.41 -38.66
N ILE B 251 25.69 -17.59 -39.56
CA ILE B 251 24.53 -18.02 -40.40
C ILE B 251 24.94 -19.24 -41.20
N ARG B 252 26.16 -19.24 -41.78
CA ARG B 252 26.61 -20.40 -42.61
C ARG B 252 26.80 -21.66 -41.77
N LYS B 253 27.44 -21.51 -40.63
CA LYS B 253 27.52 -22.58 -39.66
C LYS B 253 26.09 -23.13 -39.34
N LEU B 254 25.14 -22.26 -39.07
CA LEU B 254 23.81 -22.76 -38.69
C LEU B 254 23.18 -23.56 -39.83
N LEU B 255 23.30 -23.08 -41.09
CA LEU B 255 22.75 -23.86 -42.22
C LEU B 255 23.52 -25.17 -42.29
N ASP B 256 24.85 -25.13 -42.05
CA ASP B 256 25.62 -26.38 -41.99
C ASP B 256 25.00 -27.31 -40.95
N GLU B 257 24.74 -26.82 -39.75
CA GLU B 257 24.31 -27.67 -38.62
C GLU B 257 22.81 -27.99 -38.52
N TYR B 258 21.95 -27.16 -39.12
CA TYR B 258 20.54 -27.27 -38.83
C TYR B 258 19.74 -27.33 -40.10
N ASN B 259 18.58 -27.98 -40.04
CA ASN B 259 17.63 -28.00 -41.15
C ASN B 259 16.96 -26.65 -41.35
N ILE B 260 17.73 -25.70 -41.89
CA ILE B 260 17.25 -24.36 -42.12
C ILE B 260 17.11 -24.13 -43.62
N ASP B 261 16.00 -23.48 -43.98
CA ASP B 261 15.64 -23.25 -45.38
C ASP B 261 16.48 -22.09 -45.87
N GLU B 262 17.41 -22.38 -46.76
CA GLU B 262 18.28 -21.36 -47.34
C GLU B 262 17.48 -20.33 -48.12
N ASN B 263 16.29 -20.69 -48.58
CA ASN B 263 15.43 -19.74 -49.35
C ASN B 263 14.66 -18.71 -48.48
N ARG B 264 14.61 -18.94 -47.16
CA ARG B 264 13.95 -18.03 -46.27
C ARG B 264 14.81 -17.67 -45.05
N ILE B 265 15.91 -16.98 -45.26
CA ILE B 265 16.64 -16.42 -44.15
C ILE B 265 16.23 -14.97 -44.11
N TYR B 266 15.61 -14.56 -43.02
CA TYR B 266 15.09 -13.23 -42.91
C TYR B 266 15.98 -12.41 -42.01
N ILE B 267 16.09 -11.12 -42.27
CA ILE B 267 16.89 -10.29 -41.38
C ILE B 267 16.14 -9.02 -40.89
N THR B 268 16.29 -8.70 -39.61
CA THR B 268 15.69 -7.51 -39.08
C THR B 268 16.52 -6.96 -37.95
N GLY B 269 16.43 -5.65 -37.74
CA GLY B 269 17.27 -5.00 -36.79
C GLY B 269 16.89 -3.58 -36.57
N LEU B 270 17.51 -3.02 -35.56
CA LEU B 270 17.02 -1.89 -34.81
C LEU B 270 18.15 -0.85 -34.69
N SER B 271 17.94 0.36 -35.19
CA SER B 271 18.92 1.45 -34.96
C SER B 271 20.34 1.11 -35.47
N MET B 272 21.29 0.83 -34.58
CA MET B 272 22.59 0.30 -34.99
C MET B 272 22.39 -0.94 -35.84
N GLY B 273 21.48 -1.79 -35.38
CA GLY B 273 21.09 -3.00 -36.09
C GLY B 273 20.23 -2.69 -37.29
N GLY B 274 19.78 -1.44 -37.37
CA GLY B 274 19.15 -0.92 -38.58
C GLY B 274 20.15 -0.80 -39.70
N TYR B 275 21.18 -0.01 -39.46
CA TYR B 275 22.35 0.12 -40.33
C TYR B 275 22.87 -1.23 -40.69
N GLY B 276 23.09 -2.04 -39.64
CA GLY B 276 23.38 -3.46 -39.71
C GLY B 276 22.58 -4.25 -40.73
N THR B 277 21.27 -4.07 -40.74
CA THR B 277 20.38 -4.78 -41.71
C THR B 277 20.65 -4.33 -43.14
N TRP B 278 20.64 -3.03 -43.38
CA TRP B 278 20.84 -2.50 -44.72
C TRP B 278 22.16 -3.02 -45.20
N THR B 279 23.17 -2.88 -44.34
CA THR B 279 24.56 -3.33 -44.66
C THR B 279 24.66 -4.81 -45.03
N ALA B 280 23.96 -5.67 -44.31
CA ALA B 280 24.07 -7.12 -44.54
C ALA B 280 23.44 -7.50 -45.85
N ILE B 281 22.37 -6.80 -46.23
CA ILE B 281 21.68 -7.06 -47.49
C ILE B 281 22.47 -6.52 -48.66
N MET B 282 23.12 -5.37 -48.45
CA MET B 282 23.81 -4.68 -49.53
C MET B 282 25.16 -5.32 -49.84
N GLU B 283 25.71 -6.06 -48.87
CA GLU B 283 26.98 -6.78 -49.05
C GLU B 283 26.81 -8.27 -49.32
N PHE B 284 25.69 -8.85 -48.94
CA PHE B 284 25.47 -10.27 -49.12
C PHE B 284 24.07 -10.48 -49.65
N PRO B 285 23.78 -9.91 -50.84
CA PRO B 285 22.39 -9.83 -51.34
C PRO B 285 21.79 -11.15 -51.85
N GLU B 286 22.59 -12.19 -52.00
CA GLU B 286 22.09 -13.50 -52.43
C GLU B 286 21.68 -14.27 -51.21
N LEU B 287 22.02 -13.76 -50.04
CA LEU B 287 21.82 -14.56 -48.84
C LEU B 287 20.42 -14.43 -48.21
N PHE B 288 19.88 -13.21 -48.20
CA PHE B 288 18.64 -12.94 -47.45
C PHE B 288 17.38 -12.86 -48.30
N ALA B 289 16.27 -13.40 -47.78
CA ALA B 289 15.00 -13.46 -48.53
C ALA B 289 14.14 -12.20 -48.34
N ALA B 290 14.27 -11.57 -47.17
CA ALA B 290 13.57 -10.33 -46.92
C ALA B 290 14.23 -9.62 -45.76
N ALA B 291 13.85 -8.36 -45.55
CA ALA B 291 14.47 -7.53 -44.53
C ALA B 291 13.51 -6.56 -43.87
N ILE B 292 13.68 -6.35 -42.58
CA ILE B 292 13.02 -5.24 -41.94
C ILE B 292 14.08 -4.39 -41.18
N PRO B 293 14.62 -3.36 -41.86
CA PRO B 293 15.47 -2.41 -41.16
C PRO B 293 14.66 -1.36 -40.41
N ILE B 294 14.87 -1.29 -39.10
CA ILE B 294 14.17 -0.29 -38.28
C ILE B 294 15.05 0.90 -37.85
N CYS B 295 14.63 2.11 -38.21
CA CYS B 295 15.33 3.38 -37.93
C CYS B 295 16.85 3.32 -38.11
N GLY B 296 17.29 2.87 -39.29
CA GLY B 296 18.70 2.98 -39.65
C GLY B 296 18.91 3.76 -40.94
N GLY B 297 20.13 3.66 -41.47
CA GLY B 297 20.49 4.10 -42.81
C GLY B 297 21.42 3.08 -43.44
N GLY B 298 21.69 3.28 -44.72
CA GLY B 298 22.61 2.44 -45.49
C GLY B 298 23.03 3.20 -46.73
N ASP B 299 23.83 2.58 -47.57
CA ASP B 299 24.43 3.24 -48.75
C ASP B 299 23.47 3.26 -49.96
N VAL B 300 22.98 4.45 -50.31
CA VAL B 300 22.09 4.55 -51.47
C VAL B 300 22.75 4.29 -52.83
N SER B 301 24.05 4.55 -52.95
CA SER B 301 24.77 4.18 -54.15
C SER B 301 24.67 2.66 -54.39
N LYS B 302 24.23 1.88 -53.40
CA LYS B 302 24.23 0.41 -53.53
C LYS B 302 22.85 -0.23 -53.54
N VAL B 303 21.84 0.58 -53.76
CA VAL B 303 20.48 0.11 -53.65
C VAL B 303 20.12 -0.87 -54.77
N GLU B 304 20.79 -0.73 -55.89
CA GLU B 304 20.55 -1.52 -57.09
C GLU B 304 20.84 -3.01 -56.86
N ARG B 305 21.82 -3.30 -56.02
CA ARG B 305 22.08 -4.66 -55.63
C ARG B 305 20.89 -5.38 -54.98
N ILE B 306 20.01 -4.61 -54.33
CA ILE B 306 18.94 -5.18 -53.52
C ILE B 306 17.57 -4.94 -54.10
N LYS B 307 17.48 -4.47 -55.33
CA LYS B 307 16.18 -4.21 -55.94
C LYS B 307 15.19 -5.39 -55.97
N ASP B 308 15.68 -6.62 -55.73
CA ASP B 308 14.83 -7.82 -55.76
C ASP B 308 14.56 -8.44 -54.39
N ILE B 309 14.98 -7.77 -53.33
CA ILE B 309 14.74 -8.25 -51.98
C ILE B 309 13.56 -7.53 -51.42
N PRO B 310 12.54 -8.27 -50.99
CA PRO B 310 11.40 -7.59 -50.37
C PRO B 310 11.86 -6.98 -49.05
N ILE B 311 11.52 -5.72 -48.81
CA ILE B 311 12.02 -4.98 -47.66
C ILE B 311 10.88 -4.18 -47.10
N TRP B 312 10.71 -4.20 -45.79
CA TRP B 312 9.73 -3.33 -45.21
C TRP B 312 10.44 -2.45 -44.19
N VAL B 313 10.55 -1.19 -44.55
CA VAL B 313 11.24 -0.20 -43.76
C VAL B 313 10.31 0.46 -42.71
N PHE B 314 10.84 0.71 -41.50
CA PHE B 314 10.13 1.39 -40.44
C PHE B 314 11.01 2.49 -39.83
N HIS B 315 10.42 3.62 -39.45
CA HIS B 315 11.12 4.77 -38.88
C HIS B 315 10.01 5.69 -38.39
N ALA B 316 10.20 6.31 -37.23
CA ALA B 316 9.31 7.42 -36.86
C ALA B 316 9.86 8.76 -37.32
N GLU B 317 8.93 9.58 -37.75
CA GLU B 317 9.16 10.91 -38.22
C GLU B 317 10.04 11.77 -37.28
N ASP B 318 9.79 11.64 -35.98
CA ASP B 318 10.42 12.49 -34.96
C ASP B 318 11.51 11.70 -34.22
N ASP B 319 12.19 10.78 -34.92
CA ASP B 319 13.36 10.16 -34.33
C ASP B 319 14.46 11.22 -34.17
N PRO B 320 14.84 11.52 -32.91
CA PRO B 320 15.83 12.53 -32.64
C PRO B 320 17.24 11.99 -32.51
N VAL B 321 17.39 10.67 -32.70
CA VAL B 321 18.69 9.95 -32.70
C VAL B 321 19.15 9.60 -34.12
N VAL B 322 18.31 8.88 -34.87
CA VAL B 322 18.57 8.58 -36.27
C VAL B 322 17.56 9.35 -37.14
N PRO B 323 18.04 10.34 -37.88
CA PRO B 323 17.15 11.14 -38.72
C PRO B 323 16.36 10.27 -39.68
N VAL B 324 15.06 10.55 -39.76
CA VAL B 324 14.10 9.80 -40.57
C VAL B 324 14.54 9.75 -42.04
N GLU B 325 15.23 10.81 -42.47
CA GLU B 325 15.67 10.95 -43.86
C GLU B 325 16.55 9.76 -44.25
N ASN B 326 17.19 9.12 -43.27
CA ASN B 326 18.00 7.96 -43.58
C ASN B 326 17.19 6.80 -44.13
N SER B 327 15.94 6.65 -43.71
CA SER B 327 15.04 5.68 -44.33
C SER B 327 14.43 6.24 -45.64
N ARG B 328 14.00 7.48 -45.61
CA ARG B 328 13.36 8.04 -46.81
C ARG B 328 14.23 7.92 -48.03
N VAL B 329 15.51 8.24 -47.87
CA VAL B 329 16.37 8.28 -49.03
C VAL B 329 16.51 6.89 -49.66
N LEU B 330 16.68 5.86 -48.83
CA LEU B 330 16.80 4.54 -49.36
C LEU B 330 15.49 4.12 -49.96
N VAL B 331 14.37 4.42 -49.28
CA VAL B 331 13.06 4.01 -49.76
C VAL B 331 12.79 4.64 -51.13
N LYS B 332 13.12 5.94 -51.28
CA LYS B 332 12.81 6.68 -52.50
C LYS B 332 13.58 6.08 -53.66
N LYS B 333 14.89 5.89 -53.47
CA LYS B 333 15.70 5.29 -54.52
C LYS B 333 15.25 3.87 -54.89
N LEU B 334 14.97 3.05 -53.88
CA LEU B 334 14.56 1.66 -54.05
C LEU B 334 13.32 1.62 -54.91
N ALA B 335 12.30 2.35 -54.49
CA ALA B 335 11.03 2.43 -55.19
C ALA B 335 11.18 2.87 -56.64
N GLU B 336 11.94 3.93 -56.90
CA GLU B 336 12.03 4.50 -58.26
C GLU B 336 12.84 3.65 -59.23
N ILE B 337 13.44 2.60 -58.73
CA ILE B 337 14.34 1.76 -59.53
C ILE B 337 13.68 0.39 -59.69
N GLY B 338 12.46 0.25 -59.20
CA GLY B 338 11.69 -0.96 -59.40
C GLY B 338 11.60 -1.89 -58.19
N GLY B 339 12.18 -1.46 -57.07
CA GLY B 339 11.53 -1.57 -55.77
C GLY B 339 11.45 -2.96 -55.13
N LYS B 340 10.23 -3.33 -54.75
CA LYS B 340 9.92 -4.35 -53.72
C LYS B 340 10.13 -3.77 -52.31
N VAL B 341 9.60 -2.58 -52.09
CA VAL B 341 9.78 -1.91 -50.82
C VAL B 341 8.47 -1.42 -50.19
N ARG B 342 8.26 -1.72 -48.91
CA ARG B 342 7.24 -0.98 -48.13
C ARG B 342 7.86 0.04 -47.19
N TYR B 343 7.06 0.88 -46.56
CA TYR B 343 7.56 1.93 -45.72
C TYR B 343 6.44 2.40 -44.82
N THR B 344 6.66 2.38 -43.54
CA THR B 344 5.68 2.83 -42.62
C THR B 344 6.45 3.87 -41.86
N GLU B 345 6.08 5.14 -42.04
CA GLU B 345 6.71 6.22 -41.34
C GLU B 345 5.74 6.74 -40.32
N TYR B 346 5.86 6.27 -39.09
CA TYR B 346 5.10 6.80 -37.96
C TYR B 346 5.11 8.34 -37.84
N GLU B 347 3.91 8.92 -37.78
CA GLU B 347 3.70 10.36 -37.66
C GLU B 347 4.27 11.01 -36.41
N LYS B 348 4.70 12.27 -36.51
CA LYS B 348 5.12 13.04 -35.33
C LYS B 348 4.03 12.98 -34.27
N GLY B 349 4.42 12.86 -33.01
CA GLY B 349 3.46 12.74 -31.91
C GLY B 349 2.89 11.34 -31.63
N PHE B 350 2.90 10.46 -32.65
CA PHE B 350 2.39 9.07 -32.52
C PHE B 350 2.98 8.32 -31.34
N MET B 351 4.32 8.29 -31.30
CA MET B 351 5.09 7.53 -30.30
C MET B 351 4.83 8.05 -28.89
N GLU B 352 4.98 9.36 -28.72
CA GLU B 352 4.77 9.99 -27.43
C GLU B 352 3.31 9.80 -27.03
N LYS B 353 2.38 9.79 -27.99
CA LYS B 353 0.99 9.47 -27.66
C LYS B 353 0.82 8.04 -27.06
N HIS B 354 1.73 7.11 -27.38
CA HIS B 354 1.62 5.72 -26.90
C HIS B 354 2.59 5.39 -25.77
N GLY B 355 3.33 6.42 -25.34
CA GLY B 355 4.21 6.39 -24.17
C GLY B 355 5.63 5.90 -24.41
N TRP B 356 6.09 6.01 -25.66
CA TRP B 356 7.38 5.47 -26.12
C TRP B 356 8.30 6.67 -26.56
N ASP B 357 9.60 6.60 -26.29
CA ASP B 357 10.57 7.55 -26.91
C ASP B 357 10.45 7.39 -28.45
N PRO B 358 10.37 8.52 -29.19
CA PRO B 358 10.17 8.40 -30.66
C PRO B 358 11.33 7.76 -31.41
N HIS B 359 12.34 7.27 -30.70
CA HIS B 359 13.43 6.57 -31.37
C HIS B 359 13.08 5.12 -31.45
N GLY B 360 12.21 4.70 -30.53
CA GLY B 360 11.89 3.28 -30.29
C GLY B 360 10.88 2.65 -31.21
N SER B 361 10.88 3.08 -32.46
CA SER B 361 9.91 2.71 -33.46
C SER B 361 9.87 1.21 -33.71
N TRP B 362 10.87 0.51 -33.16
CA TRP B 362 10.82 -0.94 -33.16
C TRP B 362 9.69 -1.51 -32.30
N ILE B 363 9.18 -0.70 -31.37
CA ILE B 363 8.11 -1.18 -30.47
C ILE B 363 6.79 -1.46 -31.20
N PRO B 364 6.23 -0.47 -31.89
CA PRO B 364 5.04 -0.83 -32.62
C PRO B 364 5.34 -1.77 -33.79
N THR B 365 6.59 -1.76 -34.28
CA THR B 365 6.85 -2.51 -35.50
C THR B 365 6.76 -3.97 -35.12
N TYR B 366 7.37 -4.33 -34.01
CA TYR B 366 7.33 -5.75 -33.71
C TYR B 366 5.99 -6.13 -33.14
N GLU B 367 5.16 -5.14 -32.82
CA GLU B 367 3.78 -5.43 -32.36
C GLU B 367 2.81 -5.44 -33.54
N ASN B 368 3.30 -5.32 -34.78
CA ASN B 368 2.43 -5.27 -35.95
C ASN B 368 2.34 -6.62 -36.68
N GLN B 369 1.24 -7.34 -36.44
CA GLN B 369 1.01 -8.68 -36.99
C GLN B 369 0.99 -8.69 -38.51
N GLU B 370 0.65 -7.57 -39.13
CA GLU B 370 0.74 -7.54 -40.56
C GLU B 370 2.22 -7.72 -40.99
N ALA B 371 3.17 -7.17 -40.24
CA ALA B 371 4.55 -7.20 -40.70
C ALA B 371 5.21 -8.58 -40.49
N ILE B 372 4.92 -9.22 -39.35
CA ILE B 372 5.31 -10.60 -39.11
C ILE B 372 4.84 -11.48 -40.28
N GLU B 373 3.54 -11.43 -40.55
CA GLU B 373 2.95 -12.30 -41.56
C GLU B 373 3.62 -12.04 -42.87
N TRP B 374 3.79 -10.74 -43.17
CA TRP B 374 4.41 -10.35 -44.44
C TRP B 374 5.76 -11.01 -44.65
N LEU B 375 6.59 -10.97 -43.62
CA LEU B 375 7.96 -11.47 -43.71
C LEU B 375 7.93 -12.95 -44.13
N PHE B 376 7.06 -13.73 -43.46
CA PHE B 376 6.91 -15.14 -43.77
C PHE B 376 6.29 -15.47 -45.12
N GLU B 377 5.80 -14.47 -45.83
CA GLU B 377 5.41 -14.75 -47.20
C GLU B 377 6.60 -14.61 -48.16
N GLN B 378 7.77 -14.26 -47.66
CA GLN B 378 8.89 -14.07 -48.58
C GLN B 378 9.73 -15.33 -48.81
N SER B 379 10.43 -15.38 -49.94
CA SER B 379 11.17 -16.55 -50.33
C SER B 379 12.03 -16.20 -51.52
N ARG B 380 12.93 -17.10 -51.90
CA ARG B 380 13.75 -16.86 -53.11
C ARG B 380 13.45 -17.82 -54.26
#